data_7G75
#
_entry.id   7G75
#
_cell.length_a   84.092
_cell.length_b   91.569
_cell.length_c   119.971
_cell.angle_alpha   90.000
_cell.angle_beta   90.000
_cell.angle_gamma   90.000
#
_symmetry.space_group_name_H-M   'P 21 21 21'
#
loop_
_entity.id
_entity.type
_entity.pdbx_description
1 polymer 'Isoform 2 of Ectonucleotide pyrophosphatase/phosphodiesterase family member 2'
2 branched alpha-D-mannopyranose-(1-2)-alpha-D-mannopyranose-(1-3)-alpha-D-mannopyranose-(1-6)-[alpha-D-mannopyranose-(1-2)-alpha-D-mannopyranose-(1-3)]beta-D-mannopyranose-(1-4)-2-acetamido-2-deoxy-beta-D-glucopyranose-(1-4)-2-acetamido-2-deoxy-beta-D-glucopyranose
3 non-polymer 'CHLORIDE ION'
4 non-polymer "(1P)-5'-chloro-4'-methyl-2'-[(4-methyl-5-oxo-4,5-dihydro-1H-1,2,4-triazol-3-yl)methoxy]-6-(trifluoromethoxy)[1,1'-biphenyl]-3-carboxamide"
5 non-polymer 'ACETATE ION'
6 non-polymer 'POTASSIUM ION'
7 non-polymer 'ZINC ION'
8 non-polymer 'SODIUM ION'
9 non-polymer 'CALCIUM ION'
10 water water
#
_entity_poly.entity_id   1
_entity_poly.type   'polypeptide(L)'
_entity_poly.pdbx_seq_one_letter_code
;FTASRIKRAEWDEGPPTVLSDSPWTATSGSCKGRCFELQEVGPPDCRCDNLCKSYSSCCHDFDELCLKTARGWECTKDRC
GEVRNEENACHCSEDCLSRGDCCTNYQVVCKGESHWVDDDCEEIKVPECPAGFVRPPLIIFSVDGFRASYMKKGSKVMPN
IEKLRSCGTHAPYMRPVYPTKTFPNLYTLATGLYPESHGIVGNSMYDPVFDASFHLRGREKFNHRWWGGQPLWITATKQG
VRAGTFFWSVSIPHERRILTILQWLSLPDNERPSVYAFYSEQPDFSGHKYGPFGPEMTNPLREIDKTVGQLMDGLKQLRL
HRCVNVIFVGDHGMEDVTCDRTEFLSNYLTNVDDITLVPGTLGRIRAKSINNSKYDPKTIIAALTCKKPDQHFKPYMKQH
LPKRLHYANNRRIEDIHLLVDRRWHVARKPLDVYKKPSGKCFFQGDHGFDNKVNSMQTVFVGYGPTFKYRTKVPPFENIE
LYNVMCDLLGLKPAPNNGTHGSLNHLLRTNTFRPTMPDEVSRPNYPGIMYLQSEFDLGCTCDDKVEPKNKLEELNKRLHT
KGSTKERHLLYGRPAVLYRTSYDILYHTDFESGYSEIFLMPLWTSYTISKQAEVSSIPEHLTNCVRPDVRVSPGFSQNCL
AYKNDKQMSYGFLFPPYLSSSPEAKYDAFLVTNMVPMYPAFKRVWAYFQRVLVKKYASERNGVNVISGPIFDYNYDGLRD
TEDEIKQYVEGSSIPVPTHYYSIITSCLDFTQPADKCDGPLSVSSFILPHRPDNDESCNSSEDESKWVEELMKMHTARVR
DIEHLTGLDFYRKTSRSYSEILTLKTYLHTYESEIGGRHHHHHHHH
;
_entity_poly.pdbx_strand_id   A
#
loop_
_chem_comp.id
_chem_comp.type
_chem_comp.name
_chem_comp.formula
ACT non-polymer 'ACETATE ION' 'C2 H3 O2 -1'
BMA D-saccharide, beta linking beta-D-mannopyranose 'C6 H12 O6'
CA non-polymer 'CALCIUM ION' 'Ca 2'
CL non-polymer 'CHLORIDE ION' 'Cl -1'
K non-polymer 'POTASSIUM ION' 'K 1'
MAN D-saccharide, alpha linking alpha-D-mannopyranose 'C6 H12 O6'
NA non-polymer 'SODIUM ION' 'Na 1'
NAG D-saccharide, beta linking 2-acetamido-2-deoxy-beta-D-glucopyranose 'C8 H15 N O6'
Y2Z non-polymer (1P)-5'-chloro-4'-methyl-2'-[(4-methyl-5-oxo-4,5-dihydro-1H-1,2,4-triazol-3-yl)methoxy]-6-(trifluoromethoxy)[1,1'-biphenyl]-3-carboxamide 'C19 H16 Cl F3 N4 O4'
ZN non-polymer 'ZINC ION' 'Zn 2'
#
# COMPACT_ATOMS: atom_id res chain seq x y z
N TRP A 24 7.65 -19.05 35.49
CA TRP A 24 7.06 -20.27 36.10
C TRP A 24 5.54 -20.37 35.94
N THR A 25 5.06 -21.53 35.50
CA THR A 25 3.62 -21.84 35.46
C THR A 25 3.27 -22.97 36.43
N ALA A 26 2.27 -22.72 37.28
CA ALA A 26 1.71 -23.74 38.17
C ALA A 26 0.68 -24.58 37.41
N THR A 27 1.17 -25.46 36.54
CA THR A 27 0.33 -26.19 35.57
C THR A 27 -0.68 -27.19 36.18
N SER A 28 -0.72 -27.24 37.51
CA SER A 28 -1.55 -28.21 38.26
C SER A 28 -3.03 -27.82 38.46
N GLY A 29 -3.44 -26.62 38.03
CA GLY A 29 -4.88 -26.30 37.88
C GLY A 29 -5.50 -27.07 36.72
N SER A 30 -6.78 -26.86 36.45
CA SER A 30 -7.50 -27.62 35.39
C SER A 30 -8.28 -26.79 34.34
N CYS A 31 -8.35 -27.31 33.10
CA CYS A 31 -9.08 -26.64 32.01
C CYS A 31 -10.54 -27.07 31.89
N LYS A 32 -10.98 -27.89 32.83
CA LYS A 32 -12.36 -28.35 32.91
C LYS A 32 -13.31 -27.12 32.76
N GLY A 33 -14.24 -27.19 31.81
CA GLY A 33 -15.08 -26.05 31.40
C GLY A 33 -14.44 -24.70 31.01
N ARG A 34 -13.12 -24.68 30.74
CA ARG A 34 -12.40 -23.45 30.40
C ARG A 34 -11.73 -23.49 29.02
N CYS A 35 -12.00 -24.54 28.25
CA CYS A 35 -11.23 -24.76 26.99
C CYS A 35 -11.39 -23.57 26.06
N PHE A 36 -10.27 -22.99 25.60
CA PHE A 36 -10.28 -21.82 24.71
C PHE A 36 -11.09 -20.65 25.29
N GLU A 37 -10.88 -20.43 26.58
CA GLU A 37 -11.49 -19.29 27.29
C GLU A 37 -11.01 -18.01 26.64
N LEU A 38 -11.84 -16.98 26.72
CA LEU A 38 -11.59 -15.75 25.97
C LEU A 38 -10.72 -14.72 26.66
N GLN A 39 -10.75 -14.68 27.99
CA GLN A 39 -9.83 -13.82 28.74
C GLN A 39 -8.65 -14.63 29.25
N GLU A 40 -7.48 -14.02 29.23
CA GLU A 40 -6.24 -14.61 29.74
C GLU A 40 -6.25 -14.53 31.27
N VAL A 41 -5.99 -15.66 31.95
CA VAL A 41 -5.85 -15.63 33.42
C VAL A 41 -4.44 -15.22 33.85
N GLY A 42 -4.36 -14.60 35.03
CA GLY A 42 -3.12 -14.05 35.56
C GLY A 42 -2.17 -15.09 36.12
N PRO A 43 -0.90 -15.09 35.64
CA PRO A 43 0.18 -15.99 36.09
C PRO A 43 0.37 -16.02 37.63
N PRO A 44 0.97 -17.11 38.16
CA PRO A 44 1.29 -18.35 37.43
C PRO A 44 0.13 -19.38 37.49
N ASP A 45 -1.11 -18.89 37.57
CA ASP A 45 -2.29 -19.75 37.41
C ASP A 45 -2.26 -20.27 35.99
N CYS A 46 -2.58 -21.56 35.80
CA CYS A 46 -2.42 -22.17 34.51
C CYS A 46 -3.49 -21.70 33.54
N ARG A 47 -3.13 -21.68 32.25
CA ARG A 47 -4.00 -21.14 31.22
C ARG A 47 -4.64 -22.18 30.34
N CYS A 48 -5.80 -21.82 29.80
CA CYS A 48 -6.55 -22.67 28.88
C CYS A 48 -6.93 -21.91 27.57
N ASP A 49 -6.44 -20.68 27.41
CA ASP A 49 -6.68 -19.86 26.19
C ASP A 49 -5.81 -20.36 25.04
N ASN A 50 -6.01 -19.84 23.82
CA ASN A 50 -5.26 -20.41 22.68
C ASN A 50 -3.77 -20.03 22.60
N LEU A 51 -3.35 -19.10 23.43
CA LEU A 51 -1.94 -18.75 23.47
C LEU A 51 -1.16 -19.57 24.50
N CYS A 52 -1.87 -20.43 25.24
CA CYS A 52 -1.22 -21.11 26.36
C CYS A 52 -0.05 -21.97 25.88
N LYS A 53 -0.18 -22.63 24.73
CA LYS A 53 0.90 -23.45 24.17
C LYS A 53 2.13 -22.61 23.87
N SER A 54 1.92 -21.45 23.27
CA SER A 54 3.01 -20.54 22.89
C SER A 54 3.79 -20.07 24.10
N TYR A 55 3.14 -20.04 25.26
CA TYR A 55 3.76 -19.61 26.50
C TYR A 55 4.29 -20.74 27.36
N SER A 56 4.10 -21.99 26.92
CA SER A 56 4.40 -23.14 27.79
C SER A 56 3.61 -23.07 29.10
N SER A 57 2.35 -22.66 29.04
CA SER A 57 1.63 -22.37 30.28
C SER A 57 0.25 -23.03 30.43
N CYS A 58 -0.06 -23.98 29.55
CA CYS A 58 -1.36 -24.64 29.60
C CYS A 58 -1.49 -25.49 30.87
N CYS A 59 -2.71 -25.66 31.37
CA CYS A 59 -2.93 -26.57 32.48
C CYS A 59 -2.55 -27.97 32.05
N HIS A 60 -2.27 -28.81 33.05
CA HIS A 60 -1.84 -30.17 32.82
C HIS A 60 -2.77 -30.93 31.90
N ASP A 61 -4.08 -30.61 31.92
CA ASP A 61 -5.10 -31.43 31.22
C ASP A 61 -5.68 -30.76 29.95
N PHE A 62 -4.96 -29.74 29.49
CA PHE A 62 -5.36 -29.00 28.29
C PHE A 62 -5.45 -29.93 27.11
N ASP A 63 -4.40 -30.73 26.81
CA ASP A 63 -4.53 -31.67 25.65
C ASP A 63 -5.73 -32.59 25.79
N GLU A 64 -5.90 -33.19 26.98
CA GLU A 64 -6.96 -34.20 27.20
C GLU A 64 -8.35 -33.59 26.97
N LEU A 65 -8.53 -32.41 27.55
CA LEU A 65 -9.85 -31.76 27.57
C LEU A 65 -10.11 -30.91 26.35
N CYS A 66 -9.10 -30.17 25.90
CA CYS A 66 -9.28 -29.14 24.90
C CYS A 66 -8.87 -29.52 23.49
N LEU A 67 -8.05 -30.57 23.33
CA LEU A 67 -7.59 -30.99 22.00
C LEU A 67 -8.02 -32.44 21.68
N LYS A 68 -9.28 -32.77 22.00
CA LYS A 68 -9.78 -34.11 21.72
C LYS A 68 -9.71 -34.40 20.24
N THR A 69 -9.45 -35.66 19.90
CA THR A 69 -9.36 -36.05 18.49
C THR A 69 -10.15 -37.33 18.22
N ALA A 70 -10.65 -37.98 19.27
CA ALA A 70 -11.26 -39.30 19.15
C ALA A 70 -12.33 -39.34 18.09
N ARG A 71 -12.16 -40.27 17.16
CA ARG A 71 -13.15 -40.58 16.15
C ARG A 71 -13.20 -39.52 15.05
N GLY A 72 -12.22 -38.63 15.03
CA GLY A 72 -12.04 -37.69 13.91
C GLY A 72 -13.06 -36.55 13.88
N TRP A 73 -13.25 -35.98 12.69
CA TRP A 73 -13.94 -34.69 12.54
C TRP A 73 -15.27 -34.79 11.81
N GLU A 74 -15.67 -35.99 11.43
CA GLU A 74 -16.90 -36.14 10.62
C GLU A 74 -17.88 -37.15 11.23
N CYS A 75 -19.19 -36.84 11.17
CA CYS A 75 -20.22 -37.80 11.49
C CYS A 75 -20.27 -38.82 10.37
N THR A 76 -20.71 -40.03 10.70
CA THR A 76 -20.91 -41.10 9.72
C THR A 76 -22.29 -41.65 10.08
N LYS A 77 -22.91 -42.37 9.13
CA LYS A 77 -24.27 -42.87 9.32
C LYS A 77 -24.51 -43.58 10.65
N ASP A 78 -23.54 -44.38 11.10
CA ASP A 78 -23.70 -45.13 12.35
C ASP A 78 -23.66 -44.27 13.62
N ARG A 79 -23.05 -43.09 13.55
CA ARG A 79 -22.93 -42.22 14.72
C ARG A 79 -24.18 -41.40 14.99
N CYS A 80 -25.05 -41.30 13.99
CA CYS A 80 -26.26 -40.47 14.08
C CYS A 80 -27.12 -40.86 15.27
N GLY A 81 -27.50 -39.87 16.07
CA GLY A 81 -28.30 -40.10 17.26
C GLY A 81 -27.60 -40.92 18.35
N GLU A 82 -26.28 -41.06 18.25
CA GLU A 82 -25.47 -41.73 19.27
C GLU A 82 -25.73 -41.15 20.66
N VAL A 83 -25.38 -41.94 21.67
CA VAL A 83 -25.35 -41.46 23.05
C VAL A 83 -24.09 -40.61 23.22
N ARG A 84 -24.26 -39.40 23.73
CA ARG A 84 -23.12 -38.48 23.89
C ARG A 84 -21.93 -39.16 24.61
N ASN A 85 -20.75 -39.12 23.99
CA ASN A 85 -19.50 -39.56 24.59
C ASN A 85 -18.56 -38.34 24.66
N GLU A 86 -18.25 -37.87 25.86
CA GLU A 86 -17.52 -36.61 25.99
C GLU A 86 -16.09 -36.69 25.47
N GLU A 87 -15.60 -37.89 25.22
CA GLU A 87 -14.26 -38.09 24.67
C GLU A 87 -14.11 -37.76 23.17
N ASN A 88 -15.21 -37.66 22.45
CA ASN A 88 -15.14 -37.50 20.99
C ASN A 88 -14.70 -36.07 20.63
N ALA A 89 -13.99 -35.96 19.50
CA ALA A 89 -13.54 -34.65 18.99
C ALA A 89 -14.74 -33.75 18.72
N CYS A 90 -15.78 -34.33 18.14
CA CYS A 90 -17.02 -33.61 17.88
C CYS A 90 -18.18 -34.63 17.94
N HIS A 91 -19.41 -34.14 17.86
CA HIS A 91 -20.55 -34.97 18.29
C HIS A 91 -21.60 -35.15 17.23
N CYS A 92 -22.31 -36.29 17.30
CA CYS A 92 -23.42 -36.56 16.40
C CYS A 92 -24.65 -37.05 17.16
N SER A 93 -24.62 -36.85 18.47
CA SER A 93 -25.76 -37.06 19.35
C SER A 93 -26.84 -36.00 19.13
N GLU A 94 -28.08 -36.34 19.47
CA GLU A 94 -29.23 -35.43 19.30
C GLU A 94 -29.09 -34.09 19.99
N ASP A 95 -28.32 -34.05 21.08
CA ASP A 95 -28.18 -32.82 21.85
C ASP A 95 -27.09 -31.87 21.31
N CYS A 96 -26.38 -32.27 20.25
CA CYS A 96 -25.20 -31.51 19.82
C CYS A 96 -25.47 -30.08 19.32
N LEU A 97 -26.56 -29.86 18.58
CA LEU A 97 -26.92 -28.50 18.14
C LEU A 97 -27.05 -27.51 19.31
N SER A 98 -27.77 -27.90 20.37
CA SER A 98 -27.91 -27.02 21.53
C SER A 98 -26.66 -26.93 22.40
N ARG A 99 -25.82 -27.97 22.39
CA ARG A 99 -24.48 -27.90 23.00
C ARG A 99 -23.53 -27.06 22.13
N GLY A 100 -23.88 -26.89 20.86
CA GLY A 100 -23.07 -26.15 19.87
C GLY A 100 -21.76 -26.86 19.49
N ASP A 101 -21.78 -28.18 19.52
CA ASP A 101 -20.54 -28.95 19.29
C ASP A 101 -20.69 -30.16 18.37
N CYS A 102 -21.65 -30.13 17.45
CA CYS A 102 -21.70 -31.16 16.43
C CYS A 102 -20.47 -31.08 15.53
N CYS A 103 -20.06 -32.20 14.96
CA CYS A 103 -19.18 -32.20 13.76
C CYS A 103 -19.86 -31.35 12.69
N THR A 104 -19.06 -30.70 11.86
CA THR A 104 -19.66 -29.73 10.98
C THR A 104 -20.55 -30.38 9.93
N ASN A 105 -20.34 -31.65 9.63
CA ASN A 105 -21.21 -32.30 8.63
C ASN A 105 -22.42 -33.03 9.24
N TYR A 106 -22.63 -32.83 10.55
CA TYR A 106 -23.76 -33.48 11.26
C TYR A 106 -25.12 -33.44 10.57
N GLN A 107 -25.58 -32.25 10.19
CA GLN A 107 -26.90 -32.11 9.57
CA GLN A 107 -26.92 -32.15 9.59
C GLN A 107 -26.98 -32.74 8.18
N VAL A 108 -25.83 -32.80 7.50
CA VAL A 108 -25.78 -33.44 6.21
C VAL A 108 -25.92 -34.96 6.36
N VAL A 109 -25.08 -35.53 7.21
CA VAL A 109 -25.02 -36.98 7.36
C VAL A 109 -26.31 -37.51 8.01
N CYS A 110 -26.74 -36.86 9.08
CA CYS A 110 -27.77 -37.38 9.97
C CYS A 110 -29.15 -36.77 9.73
N LYS A 111 -29.23 -35.56 9.20
CA LYS A 111 -30.54 -34.93 9.04
C LYS A 111 -30.95 -34.67 7.58
N GLY A 112 -30.28 -35.33 6.65
CA GLY A 112 -30.61 -35.21 5.23
C GLY A 112 -30.39 -33.82 4.59
N GLU A 113 -29.58 -32.98 5.23
CA GLU A 113 -29.33 -31.63 4.70
C GLU A 113 -28.28 -31.65 3.61
N SER A 114 -28.25 -30.59 2.79
CA SER A 114 -27.17 -30.40 1.78
C SER A 114 -25.98 -29.64 2.38
N HIS A 115 -24.79 -29.91 1.84
CA HIS A 115 -23.61 -29.08 2.14
C HIS A 115 -23.91 -27.68 1.62
N TRP A 116 -23.38 -26.66 2.29
CA TRP A 116 -23.55 -25.29 1.85
C TRP A 116 -23.12 -25.11 0.37
N VAL A 117 -22.02 -25.75 -0.03
CA VAL A 117 -21.48 -25.56 -1.38
C VAL A 117 -22.43 -26.07 -2.47
N ASP A 118 -23.31 -26.99 -2.10
CA ASP A 118 -24.24 -27.56 -3.07
C ASP A 118 -25.52 -26.75 -3.25
N ASP A 119 -25.70 -25.72 -2.42
CA ASP A 119 -26.89 -24.89 -2.48
C ASP A 119 -26.66 -23.82 -3.50
N ASP A 120 -27.72 -23.47 -4.25
CA ASP A 120 -27.71 -22.34 -5.16
C ASP A 120 -27.35 -21.09 -4.39
N CYS A 121 -26.68 -20.19 -5.07
CA CYS A 121 -26.36 -18.89 -4.55
C CYS A 121 -27.64 -18.07 -4.56
N GLU A 122 -27.97 -17.48 -3.42
CA GLU A 122 -29.16 -16.66 -3.28
C GLU A 122 -28.71 -15.40 -2.59
N GLU A 123 -29.07 -14.27 -3.19
CA GLU A 123 -28.70 -12.94 -2.67
C GLU A 123 -29.10 -12.79 -1.22
N ILE A 124 -28.21 -12.22 -0.42
CA ILE A 124 -28.50 -11.94 0.96
C ILE A 124 -28.77 -10.43 1.06
N LYS A 125 -30.02 -10.03 0.98
CA LYS A 125 -30.34 -8.61 0.96
C LYS A 125 -30.30 -8.00 2.33
N VAL A 126 -30.66 -8.78 3.37
CA VAL A 126 -30.64 -8.32 4.75
C VAL A 126 -30.04 -9.42 5.64
N PRO A 127 -29.46 -9.05 6.79
CA PRO A 127 -29.02 -10.12 7.70
C PRO A 127 -30.19 -10.98 8.14
N GLU A 128 -30.06 -12.31 8.05
CA GLU A 128 -31.04 -13.24 8.61
C GLU A 128 -30.33 -13.93 9.77
N CYS A 129 -30.52 -13.39 10.98
CA CYS A 129 -29.76 -13.78 12.17
C CYS A 129 -30.74 -14.35 13.22
N PRO A 130 -30.27 -15.33 14.03
CA PRO A 130 -31.07 -15.75 15.22
C PRO A 130 -31.37 -14.60 16.19
N ALA A 131 -32.46 -14.77 16.95
CA ALA A 131 -32.80 -13.79 17.98
C ALA A 131 -31.62 -13.59 18.92
N GLY A 132 -31.37 -12.34 19.29
CA GLY A 132 -30.31 -12.06 20.25
C GLY A 132 -29.00 -11.62 19.60
N PHE A 133 -28.86 -11.80 18.30
CA PHE A 133 -27.72 -11.21 17.53
C PHE A 133 -27.93 -9.70 17.33
N VAL A 134 -27.05 -8.87 17.90
CA VAL A 134 -27.13 -7.39 17.79
C VAL A 134 -26.50 -6.83 16.48
N ARG A 135 -25.66 -7.64 15.85
CA ARG A 135 -25.01 -7.25 14.59
C ARG A 135 -24.56 -8.55 13.88
N PRO A 136 -24.43 -8.54 12.53
CA PRO A 136 -23.79 -9.66 11.81
C PRO A 136 -22.33 -9.87 12.32
N PRO A 137 -22.00 -11.07 12.80
CA PRO A 137 -20.60 -11.30 13.19
C PRO A 137 -19.70 -11.20 11.94
N LEU A 138 -18.40 -10.98 12.16
CA LEU A 138 -17.44 -10.97 11.09
C LEU A 138 -16.45 -12.09 11.35
N ILE A 139 -16.25 -12.93 10.33
CA ILE A 139 -15.23 -14.00 10.41
C ILE A 139 -14.18 -13.74 9.32
N ILE A 140 -12.94 -13.56 9.76
CA ILE A 140 -11.84 -13.32 8.84
C ILE A 140 -11.17 -14.69 8.65
N PHE A 141 -11.20 -15.22 7.43
CA PHE A 141 -10.58 -16.52 7.14
C PHE A 141 -9.25 -16.20 6.38
N SER A 142 -8.12 -16.19 7.09
CA SER A 142 -6.85 -15.74 6.52
C SER A 142 -5.99 -16.94 6.11
N VAL A 143 -5.41 -16.82 4.91
CA VAL A 143 -4.64 -17.94 4.34
C VAL A 143 -3.24 -17.42 3.98
N ASP A 144 -2.21 -18.11 4.41
CA ASP A 144 -0.83 -17.68 4.21
C ASP A 144 -0.34 -18.14 2.83
N GLY A 145 0.25 -17.23 2.07
CA GLY A 145 0.91 -17.59 0.82
C GLY A 145 -0.06 -17.88 -0.30
N PHE A 146 -1.29 -17.41 -0.16
CA PHE A 146 -2.32 -17.69 -1.15
C PHE A 146 -2.24 -16.64 -2.31
N ARG A 147 -1.52 -17.04 -3.34
CA ARG A 147 -1.28 -16.21 -4.50
C ARG A 147 -2.57 -15.92 -5.29
N ALA A 148 -2.71 -14.70 -5.82
CA ALA A 148 -3.96 -14.24 -6.42
C ALA A 148 -4.40 -15.19 -7.53
N SER A 149 -3.45 -15.71 -8.31
CA SER A 149 -3.80 -16.51 -9.48
C SER A 149 -4.31 -17.90 -9.12
N TYR A 150 -4.15 -18.32 -7.87
CA TYR A 150 -4.76 -19.55 -7.43
C TYR A 150 -6.27 -19.55 -7.60
N MET A 151 -6.90 -18.37 -7.56
CA MET A 151 -8.37 -18.32 -7.69
C MET A 151 -8.81 -18.86 -9.02
N LYS A 152 -8.07 -18.51 -10.07
CA LYS A 152 -8.38 -19.07 -11.40
C LYS A 152 -7.75 -20.45 -11.62
N LYS A 153 -6.46 -20.55 -11.34
CA LYS A 153 -5.68 -21.76 -11.65
C LYS A 153 -6.07 -22.98 -10.81
N GLY A 154 -6.54 -22.76 -9.60
CA GLY A 154 -6.98 -23.87 -8.73
C GLY A 154 -8.49 -24.01 -8.60
N SER A 155 -9.24 -23.28 -9.43
CA SER A 155 -10.70 -23.21 -9.30
C SER A 155 -11.42 -24.54 -9.33
N LYS A 156 -10.86 -25.51 -10.07
CA LYS A 156 -11.45 -26.86 -10.20
C LYS A 156 -11.40 -27.65 -8.90
N VAL A 157 -10.47 -27.32 -8.02
CA VAL A 157 -10.34 -28.11 -6.81
C VAL A 157 -10.79 -27.36 -5.54
N MET A 158 -11.35 -26.15 -5.73
CA MET A 158 -11.76 -25.30 -4.59
C MET A 158 -13.22 -24.84 -4.71
N PRO A 159 -14.18 -25.81 -4.67
CA PRO A 159 -15.56 -25.37 -4.94
C PRO A 159 -16.18 -24.43 -3.89
N ASN A 160 -15.82 -24.60 -2.60
CA ASN A 160 -16.37 -23.72 -1.57
C ASN A 160 -15.86 -22.29 -1.72
N ILE A 161 -14.54 -22.17 -1.91
CA ILE A 161 -13.92 -20.86 -2.14
C ILE A 161 -14.46 -20.22 -3.42
N GLU A 162 -14.62 -21.01 -4.50
CA GLU A 162 -15.18 -20.49 -5.76
CA GLU A 162 -15.14 -20.44 -5.74
C GLU A 162 -16.59 -19.96 -5.61
N LYS A 163 -17.38 -20.62 -4.76
CA LYS A 163 -18.77 -20.15 -4.51
C LYS A 163 -18.76 -18.85 -3.72
N LEU A 164 -17.88 -18.77 -2.72
CA LEU A 164 -17.77 -17.48 -1.99
C LEU A 164 -17.40 -16.37 -2.97
N ARG A 165 -16.43 -16.67 -3.84
CA ARG A 165 -15.91 -15.69 -4.79
CA ARG A 165 -15.92 -15.68 -4.77
C ARG A 165 -16.96 -15.22 -5.78
N SER A 166 -17.65 -16.18 -6.42
CA SER A 166 -18.62 -15.81 -7.44
C SER A 166 -19.91 -15.21 -6.88
N CYS A 167 -20.30 -15.62 -5.68
CA CYS A 167 -21.53 -15.15 -5.06
CA CYS A 167 -21.55 -15.19 -5.06
C CYS A 167 -21.40 -13.87 -4.31
N GLY A 168 -20.20 -13.61 -3.78
CA GLY A 168 -20.00 -12.42 -2.98
C GLY A 168 -19.39 -11.30 -3.79
N THR A 169 -18.51 -10.55 -3.12
CA THR A 169 -17.75 -9.48 -3.72
C THR A 169 -16.29 -9.91 -3.78
N HIS A 170 -15.62 -9.76 -4.90
CA HIS A 170 -14.20 -10.23 -4.95
C HIS A 170 -13.38 -9.22 -5.78
N ALA A 171 -12.08 -9.12 -5.50
CA ALA A 171 -11.19 -8.35 -6.32
C ALA A 171 -10.37 -9.40 -7.13
N PRO A 172 -9.87 -9.02 -8.33
CA PRO A 172 -8.99 -9.95 -9.09
C PRO A 172 -7.71 -10.21 -8.33
N TYR A 173 -7.31 -9.24 -7.50
CA TYR A 173 -6.22 -9.46 -6.54
C TYR A 173 -6.19 -8.31 -5.56
N MET A 174 -5.45 -8.49 -4.47
CA MET A 174 -5.32 -7.52 -3.45
C MET A 174 -3.80 -7.34 -3.30
N ARG A 175 -3.37 -6.08 -3.25
CA ARG A 175 -1.91 -5.76 -3.09
C ARG A 175 -1.52 -5.82 -1.63
N PRO A 176 -0.49 -6.65 -1.31
CA PRO A 176 0.01 -6.65 0.05
C PRO A 176 0.90 -5.43 0.32
N VAL A 177 1.38 -5.30 1.56
CA VAL A 177 2.40 -4.27 1.87
C VAL A 177 3.83 -4.87 1.71
N TYR A 178 4.81 -4.00 1.55
CA TYR A 178 6.21 -4.38 1.55
C TYR A 178 6.78 -4.33 2.95
N PRO A 179 7.60 -5.34 3.35
CA PRO A 179 7.93 -6.51 2.57
C PRO A 179 6.81 -7.52 2.59
N THR A 180 6.73 -8.32 1.54
CA THR A 180 5.62 -9.21 1.34
C THR A 180 5.85 -10.50 2.10
N LYS A 181 5.94 -10.33 3.42
CA LYS A 181 6.12 -11.39 4.38
C LYS A 181 4.86 -11.48 5.27
N THR A 182 4.73 -12.57 6.01
CA THR A 182 3.53 -12.90 6.77
C THR A 182 3.21 -11.92 7.90
N PHE A 183 4.14 -11.74 8.82
CA PHE A 183 3.86 -10.94 9.99
C PHE A 183 3.57 -9.44 9.63
N PRO A 184 4.39 -8.84 8.74
CA PRO A 184 4.07 -7.45 8.37
C PRO A 184 2.72 -7.35 7.72
N ASN A 185 2.36 -8.33 6.88
CA ASN A 185 1.04 -8.22 6.21
C ASN A 185 -0.15 -8.52 7.09
N LEU A 186 -0.06 -9.56 7.90
CA LEU A 186 -1.21 -9.81 8.81
C LEU A 186 -1.37 -8.69 9.81
N TYR A 187 -0.27 -8.09 10.29
CA TYR A 187 -0.47 -7.02 11.24
C TYR A 187 -0.94 -5.73 10.56
N THR A 188 -0.61 -5.54 9.26
CA THR A 188 -1.23 -4.46 8.47
C THR A 188 -2.75 -4.72 8.33
N LEU A 189 -3.14 -5.98 8.09
CA LEU A 189 -4.56 -6.31 8.03
CA LEU A 189 -4.56 -6.30 8.02
C LEU A 189 -5.24 -5.92 9.35
N ALA A 190 -4.56 -6.18 10.46
CA ALA A 190 -5.13 -5.92 11.78
C ALA A 190 -5.26 -4.44 12.13
N THR A 191 -4.39 -3.59 11.57
CA THR A 191 -4.24 -2.22 12.05
C THR A 191 -4.55 -1.12 11.03
N GLY A 192 -4.55 -1.48 9.77
CA GLY A 192 -4.60 -0.49 8.66
C GLY A 192 -3.35 0.36 8.51
N LEU A 193 -2.24 -0.05 9.14
CA LEU A 193 -1.00 0.75 9.10
C LEU A 193 0.06 0.16 8.18
N TYR A 194 0.84 1.02 7.52
CA TYR A 194 2.12 0.52 6.93
C TYR A 194 3.01 -0.12 8.02
N PRO A 195 3.79 -1.14 7.63
CA PRO A 195 4.76 -1.71 8.60
C PRO A 195 5.68 -0.68 9.26
N GLU A 196 6.08 0.38 8.55
CA GLU A 196 6.96 1.38 9.21
C GLU A 196 6.26 2.04 10.39
N SER A 197 4.92 2.10 10.38
CA SER A 197 4.14 2.71 11.46
C SER A 197 3.71 1.70 12.52
N HIS A 198 3.34 0.49 12.14
CA HIS A 198 2.95 -0.49 13.18
C HIS A 198 4.17 -1.19 13.82
N GLY A 199 5.29 -1.14 13.14
CA GLY A 199 6.57 -1.60 13.75
C GLY A 199 6.98 -3.02 13.42
N ILE A 200 6.10 -3.80 12.78
CA ILE A 200 6.48 -5.14 12.37
C ILE A 200 7.00 -5.07 10.92
N VAL A 201 8.30 -4.77 10.81
CA VAL A 201 8.89 -4.31 9.54
C VAL A 201 9.52 -5.48 8.79
N GLY A 202 9.52 -6.65 9.40
CA GLY A 202 10.05 -7.87 8.77
C GLY A 202 9.62 -9.03 9.66
N ASN A 203 9.92 -10.24 9.21
CA ASN A 203 9.71 -11.41 10.06
C ASN A 203 10.85 -11.51 11.07
N SER A 204 11.94 -10.77 10.82
CA SER A 204 13.12 -10.70 11.68
C SER A 204 13.49 -9.22 11.88
N MET A 205 13.84 -8.78 13.10
CA MET A 205 14.14 -7.34 13.33
C MET A 205 15.08 -7.10 14.51
N TYR A 206 15.86 -6.03 14.43
CA TYR A 206 16.62 -5.56 15.61
C TYR A 206 16.12 -4.16 15.96
N ASP A 207 15.78 -3.93 17.21
CA ASP A 207 15.43 -2.56 17.62
C ASP A 207 16.60 -2.02 18.49
N PRO A 208 17.31 -1.00 17.98
CA PRO A 208 18.51 -0.47 18.64
C PRO A 208 18.18 0.24 19.94
N VAL A 209 16.97 0.76 20.11
CA VAL A 209 16.61 1.46 21.35
C VAL A 209 16.43 0.45 22.48
N PHE A 210 15.72 -0.64 22.16
CA PHE A 210 15.48 -1.79 23.04
CA PHE A 210 15.59 -1.63 23.20
C PHE A 210 16.76 -2.61 23.21
N ASP A 211 17.66 -2.51 22.24
CA ASP A 211 18.71 -3.49 22.03
C ASP A 211 18.08 -4.89 22.14
N ALA A 212 17.02 -5.13 21.39
CA ALA A 212 16.40 -6.46 21.40
C ALA A 212 16.11 -6.92 19.97
N SER A 213 16.03 -8.23 19.77
CA SER A 213 15.78 -8.85 18.46
C SER A 213 14.45 -9.63 18.43
N PHE A 214 13.76 -9.56 17.31
CA PHE A 214 12.42 -10.15 17.17
C PHE A 214 12.64 -11.33 16.27
N HIS A 215 12.14 -12.48 16.72
CA HIS A 215 12.25 -13.76 16.01
C HIS A 215 10.88 -14.46 16.00
N LEU A 216 10.59 -15.18 14.92
CA LEU A 216 9.34 -15.93 14.80
C LEU A 216 9.20 -17.05 15.84
N ARG A 217 10.34 -17.59 16.27
CA ARG A 217 10.41 -18.68 17.25
C ARG A 217 10.25 -18.25 18.71
N GLY A 218 9.23 -18.78 19.38
CA GLY A 218 9.07 -18.60 20.82
C GLY A 218 8.09 -17.51 21.24
N ARG A 219 8.08 -17.23 22.54
CA ARG A 219 7.11 -16.32 23.17
C ARG A 219 7.55 -14.84 23.25
N GLU A 220 8.83 -14.57 22.98
CA GLU A 220 9.40 -13.20 23.08
C GLU A 220 8.77 -12.21 22.10
N LYS A 221 8.47 -12.71 20.90
CA LYS A 221 7.80 -11.92 19.90
C LYS A 221 6.46 -11.41 20.44
N PHE A 222 6.00 -11.96 21.56
CA PHE A 222 4.71 -11.55 22.12
C PHE A 222 4.80 -10.29 23.00
N ASN A 223 6.03 -9.92 23.34
CA ASN A 223 6.29 -8.73 24.12
C ASN A 223 5.60 -7.50 23.49
N HIS A 224 4.90 -6.71 24.30
CA HIS A 224 4.01 -5.67 23.78
C HIS A 224 4.78 -4.55 23.04
N ARG A 225 6.06 -4.42 23.31
CA ARG A 225 6.79 -3.28 22.75
C ARG A 225 7.05 -3.39 21.24
N TRP A 226 6.91 -4.59 20.67
CA TRP A 226 7.04 -4.74 19.22
C TRP A 226 5.85 -4.15 18.44
N TRP A 227 4.67 -4.21 19.05
CA TRP A 227 3.42 -4.13 18.29
C TRP A 227 2.81 -2.76 18.43
N GLY A 228 2.93 -1.93 17.38
CA GLY A 228 2.37 -0.57 17.42
C GLY A 228 0.95 -0.48 16.89
N GLY A 229 0.40 0.72 16.87
CA GLY A 229 -0.98 0.92 16.37
C GLY A 229 -2.02 0.27 17.27
N GLN A 230 -3.22 0.07 16.75
CA GLN A 230 -4.27 -0.55 17.53
C GLN A 230 -4.93 -1.58 16.64
N PRO A 231 -4.70 -2.85 16.90
CA PRO A 231 -5.31 -3.91 16.04
C PRO A 231 -6.82 -4.06 16.28
N LEU A 232 -7.47 -4.70 15.31
CA LEU A 232 -8.93 -4.74 15.27
C LEU A 232 -9.56 -5.30 16.55
N TRP A 233 -8.95 -6.36 17.11
CA TRP A 233 -9.53 -6.95 18.34
C TRP A 233 -9.48 -5.96 19.51
N ILE A 234 -8.49 -5.06 19.55
CA ILE A 234 -8.45 -4.02 20.62
C ILE A 234 -9.44 -2.89 20.30
N THR A 235 -9.51 -2.48 19.03
CA THR A 235 -10.53 -1.47 18.62
C THR A 235 -11.93 -1.93 19.02
N ALA A 236 -12.22 -3.21 18.74
CA ALA A 236 -13.53 -3.79 19.05
C ALA A 236 -13.78 -3.73 20.58
N THR A 237 -12.83 -4.28 21.34
CA THR A 237 -12.99 -4.41 22.78
C THR A 237 -13.20 -3.05 23.43
N LYS A 238 -12.38 -2.08 23.03
CA LYS A 238 -12.52 -0.69 23.57
C LYS A 238 -13.86 -0.07 23.33
N GLN A 239 -14.54 -0.51 22.27
CA GLN A 239 -15.81 0.06 21.91
C GLN A 239 -16.98 -0.87 22.22
N GLY A 240 -16.74 -1.86 23.06
CA GLY A 240 -17.82 -2.72 23.59
C GLY A 240 -18.24 -3.87 22.68
N VAL A 241 -17.39 -4.19 21.71
CA VAL A 241 -17.66 -5.29 20.79
C VAL A 241 -16.65 -6.40 21.15
N ARG A 242 -17.14 -7.58 21.51
CA ARG A 242 -16.29 -8.69 21.93
C ARG A 242 -15.57 -9.38 20.77
N ALA A 243 -14.36 -9.85 21.04
CA ALA A 243 -13.53 -10.49 19.98
C ALA A 243 -13.07 -11.88 20.39
N GLY A 244 -13.10 -12.82 19.43
CA GLY A 244 -12.41 -14.11 19.57
C GLY A 244 -10.90 -13.86 19.50
N THR A 245 -10.09 -14.81 19.96
CA THR A 245 -8.64 -14.57 19.93
C THR A 245 -8.18 -14.89 18.47
N PHE A 246 -7.31 -14.07 17.86
CA PHE A 246 -6.92 -14.20 16.43
C PHE A 246 -5.75 -15.15 16.14
N PHE A 247 -4.87 -15.32 17.11
CA PHE A 247 -3.68 -16.18 16.91
C PHE A 247 -3.96 -17.63 17.29
N TRP A 248 -3.61 -18.58 16.42
CA TRP A 248 -3.79 -19.99 16.68
C TRP A 248 -2.41 -20.68 16.73
N SER A 249 -2.09 -21.30 17.86
CA SER A 249 -0.79 -22.00 18.01
C SER A 249 -0.70 -23.12 16.97
N VAL A 250 0.50 -23.31 16.44
CA VAL A 250 0.72 -24.14 15.26
C VAL A 250 0.19 -25.59 15.42
N SER A 251 0.15 -26.08 16.64
CA SER A 251 -0.25 -27.46 16.88
C SER A 251 -1.75 -27.63 17.16
N ILE A 252 -2.53 -26.56 17.08
CA ILE A 252 -3.98 -26.73 17.14
C ILE A 252 -4.41 -27.06 15.71
N PRO A 253 -5.02 -28.24 15.48
CA PRO A 253 -5.31 -28.55 14.09
C PRO A 253 -6.40 -27.63 13.52
N HIS A 254 -6.42 -27.44 12.21
CA HIS A 254 -7.49 -26.62 11.55
C HIS A 254 -8.94 -26.97 11.89
N GLU A 255 -9.26 -28.26 11.89
CA GLU A 255 -10.59 -28.67 12.26
C GLU A 255 -11.01 -28.19 13.67
N ARG A 256 -10.04 -28.11 14.58
CA ARG A 256 -10.28 -27.69 15.97
C ARG A 256 -10.44 -26.16 16.06
N ARG A 257 -9.71 -25.45 15.20
CA ARG A 257 -9.84 -24.01 15.11
C ARG A 257 -11.27 -23.69 14.67
N ILE A 258 -11.75 -24.38 13.63
CA ILE A 258 -13.11 -24.14 13.12
C ILE A 258 -14.13 -24.51 14.20
N LEU A 259 -13.93 -25.66 14.85
CA LEU A 259 -14.88 -26.08 15.91
C LEU A 259 -14.93 -25.08 17.07
N THR A 260 -13.77 -24.56 17.45
CA THR A 260 -13.67 -23.54 18.48
C THR A 260 -14.49 -22.28 18.10
N ILE A 261 -14.28 -21.78 16.89
CA ILE A 261 -15.09 -20.62 16.40
C ILE A 261 -16.59 -20.89 16.47
N LEU A 262 -16.99 -22.09 16.04
CA LEU A 262 -18.39 -22.45 16.02
C LEU A 262 -18.93 -22.56 17.44
N GLN A 263 -18.11 -23.07 18.36
CA GLN A 263 -18.54 -23.19 19.77
C GLN A 263 -18.74 -21.79 20.34
N TRP A 264 -17.80 -20.87 20.07
CA TRP A 264 -17.92 -19.48 20.58
C TRP A 264 -19.16 -18.83 20.06
N LEU A 265 -19.53 -19.16 18.83
CA LEU A 265 -20.74 -18.58 18.24
C LEU A 265 -22.02 -19.09 18.88
N SER A 266 -21.92 -20.10 19.73
CA SER A 266 -23.09 -20.59 20.49
C SER A 266 -23.12 -20.08 21.92
N LEU A 267 -22.19 -19.20 22.28
CA LEU A 267 -22.23 -18.62 23.62
C LEU A 267 -23.49 -17.77 23.76
N PRO A 268 -23.95 -17.56 25.01
CA PRO A 268 -25.00 -16.58 25.29
C PRO A 268 -24.62 -15.21 24.75
N ASP A 269 -25.64 -14.47 24.36
CA ASP A 269 -25.49 -13.11 23.82
C ASP A 269 -24.47 -12.21 24.51
N ASN A 270 -24.54 -12.14 25.83
CA ASN A 270 -23.64 -11.27 26.59
C ASN A 270 -22.17 -11.72 26.56
N GLU A 271 -21.92 -12.97 26.17
CA GLU A 271 -20.57 -13.57 26.22
C GLU A 271 -19.98 -13.75 24.82
N ARG A 272 -20.84 -13.77 23.81
CA ARG A 272 -20.45 -14.18 22.47
C ARG A 272 -19.65 -13.10 21.74
N PRO A 273 -18.47 -13.45 21.17
CA PRO A 273 -17.85 -12.44 20.33
C PRO A 273 -18.58 -12.11 19.03
N SER A 274 -18.28 -10.94 18.50
CA SER A 274 -18.78 -10.51 17.21
C SER A 274 -17.72 -10.58 16.12
N VAL A 275 -16.44 -10.70 16.48
CA VAL A 275 -15.42 -10.79 15.45
C VAL A 275 -14.49 -11.94 15.75
N TYR A 276 -14.09 -12.66 14.70
CA TYR A 276 -13.32 -13.90 14.81
C TYR A 276 -12.30 -13.93 13.69
N ALA A 277 -11.19 -14.66 13.91
CA ALA A 277 -10.28 -14.95 12.79
C ALA A 277 -9.87 -16.43 12.77
N PHE A 278 -9.80 -16.98 11.57
CA PHE A 278 -9.18 -18.30 11.37
C PHE A 278 -7.87 -18.01 10.61
N TYR A 279 -6.84 -18.83 10.83
CA TYR A 279 -5.60 -18.71 10.10
C TYR A 279 -5.17 -20.08 9.63
N SER A 280 -4.72 -20.14 8.38
CA SER A 280 -4.07 -21.36 7.83
C SER A 280 -2.65 -21.06 7.39
N GLU A 281 -1.69 -21.87 7.85
CA GLU A 281 -0.32 -21.72 7.41
C GLU A 281 -0.11 -22.24 5.96
N GLN A 282 -1.14 -22.84 5.39
CA GLN A 282 -1.15 -23.31 4.01
C GLN A 282 -1.90 -22.29 3.15
N PRO A 283 -1.58 -22.17 1.86
CA PRO A 283 -0.63 -23.01 1.10
C PRO A 283 0.85 -22.61 1.22
N ASP A 284 1.17 -21.56 1.99
CA ASP A 284 2.54 -21.07 2.12
C ASP A 284 3.53 -22.18 2.45
N PHE A 285 3.17 -23.03 3.40
CA PHE A 285 4.15 -24.02 3.87
C PHE A 285 4.61 -24.94 2.70
N SER A 286 3.65 -25.47 1.94
CA SER A 286 3.95 -26.34 0.82
C SER A 286 4.54 -25.56 -0.33
N GLY A 287 4.08 -24.31 -0.52
CA GLY A 287 4.64 -23.45 -1.62
C GLY A 287 6.14 -23.20 -1.47
N HIS A 288 6.62 -23.03 -0.24
CA HIS A 288 8.05 -22.92 -0.03
C HIS A 288 8.80 -24.17 -0.52
N LYS A 289 8.22 -25.34 -0.23
CA LYS A 289 8.88 -26.60 -0.59
C LYS A 289 8.78 -26.93 -2.07
N TYR A 290 7.63 -26.63 -2.68
CA TYR A 290 7.35 -27.11 -4.02
C TYR A 290 7.27 -26.04 -5.07
N GLY A 291 7.38 -24.76 -4.69
CA GLY A 291 7.11 -23.70 -5.65
C GLY A 291 5.62 -23.39 -5.80
N PRO A 292 5.29 -22.21 -6.32
CA PRO A 292 3.90 -21.82 -6.26
C PRO A 292 2.97 -22.77 -7.03
N PHE A 293 3.46 -23.38 -8.12
CA PHE A 293 2.62 -24.24 -8.95
C PHE A 293 3.11 -25.68 -9.05
N GLY A 294 3.97 -26.07 -8.10
CA GLY A 294 4.34 -27.48 -7.97
C GLY A 294 3.12 -28.38 -7.99
N PRO A 295 3.21 -29.56 -8.66
CA PRO A 295 2.06 -30.48 -8.66
C PRO A 295 1.62 -30.88 -7.25
N GLU A 296 2.54 -30.80 -6.28
CA GLU A 296 2.20 -31.01 -4.86
C GLU A 296 1.29 -29.94 -4.29
N MET A 297 1.05 -28.85 -5.02
CA MET A 297 0.22 -27.77 -4.46
C MET A 297 -1.29 -28.02 -4.56
N THR A 298 -1.73 -28.99 -5.38
CA THR A 298 -3.15 -29.22 -5.57
C THR A 298 -3.76 -29.66 -4.22
N ASN A 299 -3.10 -30.58 -3.52
CA ASN A 299 -3.65 -31.09 -2.29
C ASN A 299 -3.83 -30.05 -1.18
N PRO A 300 -2.82 -29.19 -0.93
CA PRO A 300 -3.07 -28.13 0.09
C PRO A 300 -4.22 -27.23 -0.30
N LEU A 301 -4.40 -26.94 -1.59
CA LEU A 301 -5.55 -26.14 -2.03
C LEU A 301 -6.86 -26.84 -1.75
N ARG A 302 -6.92 -28.16 -1.98
CA ARG A 302 -8.14 -28.91 -1.76
C ARG A 302 -8.44 -28.90 -0.25
N GLU A 303 -7.37 -29.01 0.55
CA GLU A 303 -7.55 -29.12 2.00
C GLU A 303 -8.06 -27.79 2.56
N ILE A 304 -7.51 -26.67 2.08
CA ILE A 304 -8.05 -25.35 2.50
C ILE A 304 -9.53 -25.19 2.09
N ASP A 305 -9.88 -25.61 0.88
CA ASP A 305 -11.26 -25.55 0.50
C ASP A 305 -12.18 -26.40 1.40
N LYS A 306 -11.69 -27.56 1.81
CA LYS A 306 -12.49 -28.43 2.68
C LYS A 306 -12.76 -27.73 4.02
N THR A 307 -11.74 -27.04 4.53
CA THR A 307 -11.84 -26.24 5.77
C THR A 307 -12.89 -25.13 5.61
N VAL A 308 -12.87 -24.39 4.49
CA VAL A 308 -13.92 -23.41 4.23
C VAL A 308 -15.31 -24.08 4.25
N GLY A 309 -15.39 -25.25 3.59
CA GLY A 309 -16.62 -26.05 3.56
C GLY A 309 -17.10 -26.40 4.97
N GLN A 310 -16.17 -26.73 5.86
CA GLN A 310 -16.52 -27.12 7.27
C GLN A 310 -17.12 -25.90 7.97
N LEU A 311 -16.49 -24.75 7.74
CA LEU A 311 -16.97 -23.54 8.38
C LEU A 311 -18.36 -23.18 7.88
N MET A 312 -18.57 -23.18 6.56
CA MET A 312 -19.86 -22.80 6.00
C MET A 312 -20.99 -23.78 6.38
N ASP A 313 -20.66 -25.07 6.43
CA ASP A 313 -21.62 -26.10 6.88
C ASP A 313 -21.94 -25.86 8.35
N GLY A 314 -20.94 -25.54 9.12
CA GLY A 314 -21.13 -25.24 10.54
C GLY A 314 -22.00 -24.02 10.75
N LEU A 315 -21.78 -22.97 9.95
CA LEU A 315 -22.62 -21.77 10.05
C LEU A 315 -24.04 -22.12 9.63
N LYS A 316 -24.18 -22.92 8.58
CA LYS A 316 -25.51 -23.31 8.11
C LYS A 316 -26.29 -24.01 9.24
N GLN A 317 -25.64 -24.95 9.95
CA GLN A 317 -26.24 -25.66 11.11
C GLN A 317 -26.71 -24.70 12.19
N LEU A 318 -25.94 -23.66 12.43
CA LEU A 318 -26.26 -22.70 13.46
C LEU A 318 -27.20 -21.62 12.91
N ARG A 319 -27.71 -21.79 11.68
CA ARG A 319 -28.56 -20.80 11.01
C ARG A 319 -27.88 -19.43 10.94
N LEU A 320 -26.57 -19.43 10.64
CA LEU A 320 -25.77 -18.21 10.58
C LEU A 320 -25.21 -17.94 9.19
N HIS A 321 -25.49 -18.80 8.23
CA HIS A 321 -24.84 -18.70 6.92
C HIS A 321 -25.36 -17.53 6.08
N ARG A 322 -26.48 -16.91 6.48
CA ARG A 322 -27.00 -15.67 5.88
C ARG A 322 -27.03 -14.52 6.90
N CYS A 323 -26.18 -14.64 7.91
CA CYS A 323 -26.03 -13.66 8.98
C CYS A 323 -24.58 -13.12 9.06
N VAL A 324 -23.60 -14.01 8.93
CA VAL A 324 -22.18 -13.67 9.16
C VAL A 324 -21.55 -13.07 7.89
N ASN A 325 -20.73 -12.03 8.05
CA ASN A 325 -19.88 -11.61 6.97
C ASN A 325 -18.57 -12.38 7.06
N VAL A 326 -18.23 -13.04 5.96
CA VAL A 326 -16.97 -13.80 5.84
C VAL A 326 -16.00 -13.08 4.96
N ILE A 327 -14.76 -12.93 5.44
CA ILE A 327 -13.73 -12.38 4.59
C ILE A 327 -12.71 -13.46 4.35
N PHE A 328 -12.46 -13.77 3.08
CA PHE A 328 -11.45 -14.77 2.72
C PHE A 328 -10.30 -13.93 2.17
N VAL A 329 -9.16 -13.92 2.86
CA VAL A 329 -8.13 -12.97 2.56
C VAL A 329 -6.75 -13.61 2.74
N GLY A 330 -5.80 -13.27 1.86
CA GLY A 330 -4.44 -13.79 1.96
C GLY A 330 -3.50 -12.70 2.48
N ASP A 331 -2.30 -13.12 2.84
CA ASP A 331 -1.29 -12.15 3.29
C ASP A 331 -0.30 -11.73 2.17
N HIS A 332 0.01 -12.66 1.26
CA HIS A 332 1.01 -12.41 0.18
C HIS A 332 0.96 -13.63 -0.73
N GLY A 333 1.58 -13.51 -1.92
CA GLY A 333 1.69 -14.64 -2.85
C GLY A 333 2.94 -15.48 -2.59
N MET A 334 3.50 -15.99 -3.69
CA MET A 334 4.60 -16.96 -3.65
C MET A 334 5.22 -16.97 -5.04
N GLU A 335 6.56 -16.92 -5.10
CA GLU A 335 7.31 -16.88 -6.36
C GLU A 335 8.23 -18.13 -6.42
N ASP A 336 8.60 -18.54 -7.64
CA ASP A 336 9.69 -19.57 -7.83
C ASP A 336 11.03 -18.99 -7.46
N VAL A 337 11.68 -19.59 -6.46
CA VAL A 337 12.98 -19.13 -5.99
C VAL A 337 13.77 -20.36 -5.62
N THR A 338 14.96 -20.52 -6.19
CA THR A 338 15.80 -21.70 -5.82
C THR A 338 17.21 -21.28 -5.37
N CYS A 339 17.88 -22.16 -4.61
CA CYS A 339 19.25 -21.93 -4.08
C CYS A 339 20.23 -21.41 -5.12
N ASP A 340 20.07 -21.84 -6.36
CA ASP A 340 21.02 -21.45 -7.38
C ASP A 340 20.88 -19.98 -7.76
N ARG A 341 19.69 -19.39 -7.52
CA ARG A 341 19.49 -17.96 -7.82
C ARG A 341 19.73 -17.13 -6.56
N THR A 342 20.98 -17.15 -6.10
CA THR A 342 21.38 -16.37 -4.95
C THR A 342 22.57 -15.52 -5.34
N GLU A 343 22.49 -14.21 -5.08
CA GLU A 343 23.60 -13.27 -5.17
C GLU A 343 24.33 -13.26 -3.83
N PHE A 344 25.67 -13.26 -3.83
CA PHE A 344 26.42 -13.25 -2.58
C PHE A 344 27.19 -11.96 -2.37
N LEU A 345 27.02 -11.33 -1.21
CA LEU A 345 27.67 -10.05 -0.97
C LEU A 345 29.20 -10.19 -0.92
N SER A 346 29.66 -11.41 -0.60
CA SER A 346 31.12 -11.71 -0.60
C SER A 346 31.71 -11.58 -2.03
N ASN A 347 30.87 -11.58 -3.06
CA ASN A 347 31.35 -11.30 -4.42
C ASN A 347 31.46 -9.82 -4.78
N TYR A 348 31.10 -8.97 -3.82
CA TYR A 348 31.10 -7.53 -4.02
C TYR A 348 31.96 -6.79 -3.02
N LEU A 349 31.89 -7.19 -1.75
CA LEU A 349 32.46 -6.43 -0.65
C LEU A 349 33.76 -7.08 -0.21
N THR A 350 34.80 -6.27 -0.02
CA THR A 350 36.03 -6.78 0.58
C THR A 350 35.77 -7.10 2.07
N ASN A 351 35.08 -6.18 2.74
CA ASN A 351 34.82 -6.22 4.18
C ASN A 351 33.63 -7.06 4.68
N VAL A 352 33.27 -8.12 3.96
CA VAL A 352 32.00 -8.82 4.27
C VAL A 352 31.74 -9.16 5.76
N ASP A 353 32.80 -9.29 6.56
CA ASP A 353 32.65 -9.66 7.98
C ASP A 353 32.38 -8.51 8.95
N ASP A 354 32.39 -7.28 8.45
CA ASP A 354 32.07 -6.16 9.30
C ASP A 354 30.61 -5.75 9.16
N ILE A 355 29.85 -6.51 8.37
CA ILE A 355 28.41 -6.21 8.20
C ILE A 355 27.55 -7.33 8.73
N THR A 356 26.35 -6.97 9.14
CA THR A 356 25.28 -7.89 9.48
C THR A 356 24.27 -7.72 8.35
N LEU A 357 23.86 -8.81 7.74
CA LEU A 357 22.81 -8.80 6.72
C LEU A 357 21.55 -9.56 7.17
N VAL A 358 20.38 -8.92 7.00
CA VAL A 358 19.11 -9.64 7.05
C VAL A 358 18.87 -10.06 5.61
N PRO A 359 18.89 -11.38 5.33
CA PRO A 359 19.00 -11.91 4.00
C PRO A 359 17.70 -12.40 3.36
N GLY A 360 17.79 -12.81 2.09
CA GLY A 360 16.70 -13.53 1.43
C GLY A 360 16.10 -12.72 0.32
N THR A 361 14.79 -12.47 0.41
CA THR A 361 14.12 -11.80 -0.73
C THR A 361 14.15 -10.31 -0.59
N LEU A 362 14.83 -9.82 0.46
CA LEU A 362 15.15 -8.43 0.61
C LEU A 362 16.46 -8.44 1.39
N GLY A 363 17.16 -7.33 1.37
CA GLY A 363 18.40 -7.26 2.18
C GLY A 363 18.33 -6.06 3.06
N ARG A 364 18.74 -6.21 4.32
CA ARG A 364 18.93 -5.06 5.20
C ARG A 364 20.31 -5.18 5.83
N ILE A 365 21.08 -4.10 5.77
CA ILE A 365 22.50 -4.17 6.12
C ILE A 365 22.79 -3.16 7.21
N ARG A 366 23.50 -3.60 8.24
CA ARG A 366 24.00 -2.64 9.21
C ARG A 366 25.37 -3.11 9.69
N ALA A 367 26.01 -2.30 10.53
CA ALA A 367 27.38 -2.61 10.99
C ALA A 367 27.31 -3.78 11.94
N LYS A 368 28.28 -4.68 11.86
CA LYS A 368 28.33 -5.76 12.83
C LYS A 368 28.61 -5.24 14.25
N SER A 369 29.48 -4.23 14.35
CA SER A 369 29.78 -3.62 15.65
C SER A 369 29.67 -2.10 15.57
N ILE A 370 28.93 -1.49 16.50
CA ILE A 370 28.81 -0.01 16.56
C ILE A 370 30.12 0.64 17.06
N ASN A 371 31.02 -0.20 17.58
CA ASN A 371 32.37 0.21 17.98
C ASN A 371 33.35 0.35 16.81
N ASN A 372 33.00 -0.24 15.68
CA ASN A 372 33.86 -0.17 14.48
C ASN A 372 33.64 1.15 13.72
N SER A 373 34.52 2.12 13.96
CA SER A 373 34.42 3.46 13.33
C SER A 373 35.00 3.51 11.91
N LYS A 374 35.44 2.36 11.40
CA LYS A 374 35.93 2.24 10.02
C LYS A 374 34.82 1.75 9.07
N TYR A 375 33.64 1.45 9.64
CA TYR A 375 32.44 1.14 8.86
C TYR A 375 31.94 2.41 8.18
N ASP A 376 31.57 2.27 6.90
CA ASP A 376 31.10 3.42 6.11
C ASP A 376 29.99 2.98 5.14
N PRO A 377 28.75 3.45 5.36
CA PRO A 377 27.67 3.12 4.43
C PRO A 377 27.94 3.55 3.00
N LYS A 378 28.60 4.70 2.81
CA LYS A 378 28.79 5.21 1.47
C LYS A 378 29.63 4.25 0.65
N THR A 379 30.70 3.72 1.24
CA THR A 379 31.53 2.77 0.45
C THR A 379 30.83 1.40 0.29
N ILE A 380 30.01 0.99 1.25
CA ILE A 380 29.23 -0.24 1.04
C ILE A 380 28.27 -0.08 -0.15
N ILE A 381 27.51 1.02 -0.17
CA ILE A 381 26.58 1.28 -1.29
C ILE A 381 27.30 1.30 -2.65
N ALA A 382 28.41 2.03 -2.74
CA ALA A 382 29.14 2.11 -4.04
C ALA A 382 29.63 0.74 -4.52
N ALA A 383 30.08 -0.09 -3.58
CA ALA A 383 30.57 -1.44 -3.90
C ALA A 383 29.46 -2.38 -4.37
N LEU A 384 28.22 -2.00 -4.05
CA LEU A 384 27.05 -2.79 -4.43
C LEU A 384 26.29 -2.25 -5.64
N THR A 385 26.74 -1.10 -6.18
CA THR A 385 26.04 -0.40 -7.26
C THR A 385 26.54 -0.75 -8.67
N CYS A 386 25.65 -1.35 -9.48
CA CYS A 386 25.85 -1.68 -10.88
C CYS A 386 27.22 -2.31 -11.17
N LYS A 387 27.57 -3.34 -10.40
CA LYS A 387 28.90 -3.94 -10.43
C LYS A 387 29.00 -5.12 -11.37
N LYS A 388 27.88 -5.79 -11.60
CA LYS A 388 27.85 -6.96 -12.45
C LYS A 388 26.75 -6.75 -13.47
N PRO A 389 26.97 -7.18 -14.73
CA PRO A 389 26.04 -6.88 -15.83
C PRO A 389 24.57 -7.21 -15.56
N ASP A 390 24.27 -8.39 -15.00
CA ASP A 390 22.85 -8.73 -14.80
C ASP A 390 22.44 -8.75 -13.32
N GLN A 391 23.15 -7.95 -12.53
CA GLN A 391 23.03 -7.90 -11.08
C GLN A 391 21.56 -8.02 -10.63
N HIS A 392 21.25 -8.94 -9.72
CA HIS A 392 19.83 -9.20 -9.38
C HIS A 392 19.34 -8.60 -8.08
N PHE A 393 20.04 -7.58 -7.58
CA PHE A 393 19.54 -6.75 -6.50
C PHE A 393 20.07 -5.34 -6.75
N LYS A 394 19.41 -4.37 -6.13
CA LYS A 394 19.82 -2.98 -6.21
C LYS A 394 19.87 -2.37 -4.81
N PRO A 395 21.01 -1.74 -4.45
CA PRO A 395 21.11 -1.14 -3.15
C PRO A 395 20.52 0.26 -3.12
N TYR A 396 19.95 0.59 -1.96
CA TYR A 396 19.37 1.91 -1.69
C TYR A 396 19.64 2.34 -0.28
N MET A 397 19.93 3.63 -0.06
CA MET A 397 19.70 4.18 1.27
C MET A 397 18.16 4.17 1.43
N LYS A 398 17.64 3.83 2.61
CA LYS A 398 16.17 3.63 2.71
C LYS A 398 15.32 4.86 2.27
N GLN A 399 15.84 6.06 2.50
CA GLN A 399 15.11 7.27 2.11
C GLN A 399 14.99 7.38 0.57
N HIS A 400 15.83 6.65 -0.17
CA HIS A 400 15.74 6.64 -1.63
C HIS A 400 14.90 5.52 -2.23
N LEU A 401 14.38 4.62 -1.40
CA LEU A 401 13.44 3.63 -1.88
C LEU A 401 12.19 4.35 -2.47
N PRO A 402 11.58 3.76 -3.51
CA PRO A 402 10.29 4.29 -4.03
C PRO A 402 9.34 4.61 -2.88
N LYS A 403 8.79 5.81 -2.92
CA LYS A 403 7.93 6.29 -1.87
C LYS A 403 6.66 5.40 -1.70
N ARG A 404 6.23 4.76 -2.80
CA ARG A 404 5.07 3.88 -2.71
C ARG A 404 5.26 2.71 -1.75
N LEU A 405 6.51 2.32 -1.44
CA LEU A 405 6.75 1.26 -0.49
C LEU A 405 6.55 1.68 0.96
N HIS A 406 6.62 2.99 1.22
CA HIS A 406 6.44 3.57 2.58
C HIS A 406 7.28 2.78 3.58
N TYR A 407 8.54 2.59 3.21
CA TYR A 407 9.40 1.69 3.99
C TYR A 407 10.71 2.38 4.45
N ALA A 408 10.59 3.32 5.36
CA ALA A 408 11.76 4.01 5.85
C ALA A 408 11.67 4.56 7.24
N ASN A 409 10.50 5.08 7.63
CA ASN A 409 10.38 5.81 8.91
C ASN A 409 10.21 4.89 10.14
N ASN A 410 11.25 4.10 10.42
CA ASN A 410 11.23 3.23 11.62
C ASN A 410 12.69 2.88 11.90
N ARG A 411 13.12 3.05 13.16
CA ARG A 411 14.50 2.74 13.53
C ARG A 411 14.84 1.26 13.39
N ARG A 412 13.82 0.41 13.22
CA ARG A 412 14.07 -1.03 12.96
C ARG A 412 14.39 -1.33 11.50
N ILE A 413 14.27 -0.32 10.62
CA ILE A 413 14.58 -0.49 9.22
C ILE A 413 15.99 0.10 9.03
N GLU A 414 16.92 -0.77 8.66
CA GLU A 414 18.31 -0.40 8.52
C GLU A 414 18.46 0.62 7.38
N ASP A 415 19.42 1.53 7.54
CA ASP A 415 19.64 2.57 6.52
C ASP A 415 19.90 2.02 5.14
N ILE A 416 20.63 0.89 5.04
CA ILE A 416 20.95 0.29 3.77
C ILE A 416 19.96 -0.85 3.47
N HIS A 417 19.32 -0.77 2.29
CA HIS A 417 18.31 -1.73 1.83
C HIS A 417 18.69 -2.30 0.47
N LEU A 418 18.47 -3.59 0.29
CA LEU A 418 18.64 -4.17 -1.03
C LEU A 418 17.29 -4.60 -1.55
N LEU A 419 16.85 -4.01 -2.65
CA LEU A 419 15.68 -4.52 -3.34
C LEU A 419 16.13 -5.66 -4.24
N VAL A 420 15.59 -6.85 -3.99
CA VAL A 420 16.02 -8.06 -4.70
C VAL A 420 15.07 -8.36 -5.83
N ASP A 421 15.60 -8.68 -7.02
CA ASP A 421 14.75 -9.04 -8.15
C ASP A 421 13.87 -10.25 -7.86
N ARG A 422 12.65 -10.26 -8.38
CA ARG A 422 11.79 -11.43 -8.22
C ARG A 422 12.56 -12.69 -8.70
N ARG A 423 12.35 -13.81 -8.00
CA ARG A 423 12.95 -15.11 -8.34
CA ARG A 423 12.95 -15.12 -8.32
C ARG A 423 14.35 -15.31 -7.74
N TRP A 424 14.86 -14.27 -7.10
CA TRP A 424 16.23 -14.31 -6.53
C TRP A 424 16.29 -14.18 -5.00
N HIS A 425 17.42 -14.59 -4.42
CA HIS A 425 17.81 -14.23 -3.08
C HIS A 425 19.13 -13.49 -3.04
N VAL A 426 19.34 -12.80 -1.93
CA VAL A 426 20.65 -12.28 -1.56
C VAL A 426 21.10 -12.92 -0.24
N ALA A 427 22.39 -13.21 -0.15
CA ALA A 427 22.93 -13.76 1.09
C ALA A 427 24.34 -13.18 1.25
N ARG A 428 24.88 -13.26 2.47
CA ARG A 428 26.18 -12.68 2.78
C ARG A 428 27.33 -13.47 2.09
N LYS A 429 27.32 -14.79 2.27
CA LYS A 429 28.39 -15.68 1.79
CA LYS A 429 28.35 -15.65 1.69
C LYS A 429 27.79 -17.02 1.36
N PRO A 430 28.41 -17.71 0.38
CA PRO A 430 27.83 -19.00 -0.05
C PRO A 430 27.53 -20.00 1.08
N LEU A 431 28.38 -20.03 2.12
CA LEU A 431 28.18 -21.00 3.19
C LEU A 431 26.88 -20.82 3.96
N ASP A 432 26.32 -19.61 3.92
CA ASP A 432 24.99 -19.33 4.50
C ASP A 432 23.83 -20.09 3.86
N VAL A 433 23.98 -20.42 2.57
CA VAL A 433 22.93 -21.09 1.81
C VAL A 433 22.92 -22.61 2.00
N TYR A 434 24.09 -23.22 2.25
CA TYR A 434 24.15 -24.68 2.38
C TYR A 434 24.44 -25.14 3.82
N LYS A 435 24.77 -24.20 4.71
CA LYS A 435 24.90 -24.46 6.14
C LYS A 435 23.92 -23.56 6.95
N LYS A 436 22.61 -23.67 6.65
CA LYS A 436 21.56 -22.91 7.35
C LYS A 436 20.69 -23.81 8.24
N CYS A 441 19.28 -28.45 -2.92
CA CYS A 441 18.59 -27.29 -2.33
C CYS A 441 17.25 -27.67 -1.72
N PHE A 442 16.93 -27.06 -0.58
CA PHE A 442 15.63 -27.31 0.06
C PHE A 442 14.49 -26.72 -0.79
N PHE A 443 14.39 -25.40 -0.74
CA PHE A 443 13.17 -24.67 -1.08
C PHE A 443 13.03 -24.38 -2.59
N GLN A 444 11.80 -24.26 -3.07
CA GLN A 444 11.53 -23.93 -4.45
C GLN A 444 10.63 -22.68 -4.57
N GLY A 445 10.19 -22.16 -3.44
CA GLY A 445 9.29 -20.98 -3.43
C GLY A 445 9.72 -20.00 -2.34
N ASP A 446 9.53 -18.69 -2.59
CA ASP A 446 9.67 -17.74 -1.49
C ASP A 446 8.88 -16.46 -1.83
N HIS A 447 8.81 -15.56 -0.88
CA HIS A 447 8.05 -14.30 -1.07
C HIS A 447 8.78 -13.25 -0.23
N GLY A 448 8.40 -11.98 -0.39
CA GLY A 448 9.02 -10.89 0.37
C GLY A 448 9.35 -9.72 -0.56
N PHE A 449 9.36 -9.99 -1.86
CA PHE A 449 9.74 -8.99 -2.90
C PHE A 449 8.79 -7.78 -2.89
N ASP A 450 9.22 -6.73 -3.60
CA ASP A 450 8.43 -5.53 -3.97
C ASP A 450 6.94 -5.88 -4.11
N ASN A 451 6.07 -5.13 -3.40
CA ASN A 451 4.65 -5.49 -3.37
C ASN A 451 3.91 -5.18 -4.66
N LYS A 452 4.58 -4.66 -5.68
CA LYS A 452 3.93 -4.55 -6.98
CA LYS A 452 3.90 -4.56 -6.97
C LYS A 452 4.11 -5.78 -7.88
N VAL A 453 5.01 -6.68 -7.47
CA VAL A 453 5.30 -7.91 -8.28
C VAL A 453 4.07 -8.83 -8.38
N ASN A 454 3.71 -9.24 -9.59
CA ASN A 454 2.53 -10.07 -9.82
C ASN A 454 2.46 -11.28 -8.92
N SER A 455 3.56 -12.00 -8.80
CA SER A 455 3.53 -13.21 -8.00
C SER A 455 3.29 -12.99 -6.51
N MET A 456 3.46 -11.76 -6.03
CA MET A 456 3.28 -11.46 -4.60
C MET A 456 1.84 -11.04 -4.29
N GLN A 457 1.02 -10.79 -5.33
CA GLN A 457 -0.37 -10.40 -5.10
C GLN A 457 -1.15 -11.51 -4.44
N THR A 458 -2.16 -11.12 -3.67
CA THR A 458 -2.91 -12.14 -2.93
C THR A 458 -4.40 -11.91 -3.18
N VAL A 459 -5.24 -12.49 -2.32
CA VAL A 459 -6.67 -12.60 -2.61
C VAL A 459 -7.55 -11.85 -1.62
N PHE A 460 -8.72 -11.46 -2.11
CA PHE A 460 -9.78 -10.90 -1.27
C PHE A 460 -11.15 -11.33 -1.82
N VAL A 461 -11.95 -11.92 -0.93
CA VAL A 461 -13.38 -12.16 -1.18
C VAL A 461 -14.13 -11.75 0.08
N GLY A 462 -15.26 -11.07 -0.10
CA GLY A 462 -16.16 -10.77 1.03
C GLY A 462 -17.54 -11.35 0.69
N TYR A 463 -18.12 -12.09 1.63
CA TYR A 463 -19.41 -12.75 1.39
C TYR A 463 -20.26 -12.50 2.61
N GLY A 464 -21.47 -11.99 2.41
CA GLY A 464 -22.35 -11.86 3.57
C GLY A 464 -23.36 -10.77 3.30
N PRO A 465 -24.22 -10.48 4.29
CA PRO A 465 -25.29 -9.47 4.10
C PRO A 465 -24.76 -8.07 3.82
N THR A 466 -23.58 -7.73 4.36
CA THR A 466 -23.08 -6.37 4.26
C THR A 466 -22.28 -6.16 2.97
N PHE A 467 -21.76 -7.25 2.38
CA PHE A 467 -21.08 -7.16 1.10
C PHE A 467 -22.06 -7.21 -0.06
N LYS A 468 -21.60 -6.75 -1.21
CA LYS A 468 -22.45 -6.80 -2.39
CA LYS A 468 -22.44 -6.80 -2.40
C LYS A 468 -22.57 -8.22 -2.94
N TYR A 469 -23.59 -8.42 -3.79
CA TYR A 469 -23.90 -9.71 -4.40
C TYR A 469 -23.27 -9.80 -5.77
N ARG A 470 -22.58 -10.91 -6.06
CA ARG A 470 -21.97 -11.19 -7.40
C ARG A 470 -21.26 -9.99 -8.00
N THR A 471 -20.33 -9.38 -7.24
CA THR A 471 -19.80 -8.06 -7.65
C THR A 471 -18.30 -8.18 -7.74
N LYS A 472 -17.72 -7.68 -8.83
CA LYS A 472 -16.28 -7.67 -8.93
C LYS A 472 -15.86 -6.25 -8.65
N VAL A 473 -14.79 -6.07 -7.86
CA VAL A 473 -14.26 -4.72 -7.61
C VAL A 473 -12.82 -4.69 -8.08
N PRO A 474 -12.29 -3.48 -8.37
CA PRO A 474 -10.91 -3.39 -8.84
C PRO A 474 -9.93 -3.80 -7.72
N PRO A 475 -8.70 -4.19 -8.09
CA PRO A 475 -7.68 -4.48 -7.07
C PRO A 475 -7.48 -3.27 -6.13
N PHE A 476 -7.17 -3.56 -4.89
CA PHE A 476 -6.94 -2.51 -3.91
C PHE A 476 -5.90 -3.03 -2.93
N GLU A 477 -5.46 -2.15 -2.05
CA GLU A 477 -4.38 -2.44 -1.10
C GLU A 477 -4.87 -2.92 0.23
N ASN A 478 -4.15 -3.88 0.81
CA ASN A 478 -4.61 -4.43 2.06
C ASN A 478 -4.69 -3.42 3.24
N ILE A 479 -3.93 -2.31 3.16
CA ILE A 479 -4.04 -1.24 4.22
C ILE A 479 -5.46 -0.68 4.31
N GLU A 480 -6.29 -0.89 3.28
CA GLU A 480 -7.65 -0.33 3.28
C GLU A 480 -8.65 -1.17 4.10
N LEU A 481 -8.30 -2.41 4.42
CA LEU A 481 -9.29 -3.33 4.95
C LEU A 481 -9.68 -3.08 6.38
N TYR A 482 -8.75 -2.59 7.19
CA TYR A 482 -9.09 -2.34 8.58
C TYR A 482 -10.31 -1.43 8.68
N ASN A 483 -10.32 -0.36 7.90
CA ASN A 483 -11.46 0.59 7.93
C ASN A 483 -12.76 -0.14 7.59
N VAL A 484 -12.72 -0.97 6.57
CA VAL A 484 -13.94 -1.71 6.18
C VAL A 484 -14.38 -2.70 7.27
N MET A 485 -13.42 -3.42 7.85
CA MET A 485 -13.76 -4.31 8.96
C MET A 485 -14.38 -3.54 10.15
N CYS A 486 -13.86 -2.36 10.46
CA CYS A 486 -14.49 -1.50 11.45
C CYS A 486 -15.91 -1.10 11.04
N ASP A 487 -16.13 -0.74 9.78
CA ASP A 487 -17.49 -0.45 9.23
C ASP A 487 -18.44 -1.65 9.41
N LEU A 488 -17.93 -2.84 9.09
CA LEU A 488 -18.69 -4.08 9.23
C LEU A 488 -19.14 -4.33 10.63
N LEU A 489 -18.39 -3.80 11.60
CA LEU A 489 -18.65 -4.03 13.03
C LEU A 489 -19.23 -2.80 13.76
N GLY A 490 -19.51 -1.72 13.02
CA GLY A 490 -19.96 -0.42 13.59
C GLY A 490 -18.94 0.23 14.53
N LEU A 491 -17.64 0.00 14.29
CA LEU A 491 -16.55 0.58 15.09
C LEU A 491 -15.98 1.83 14.43
N LYS A 492 -15.51 2.76 15.24
CA LYS A 492 -14.76 3.91 14.74
C LYS A 492 -13.30 3.42 14.62
N PRO A 493 -12.72 3.47 13.42
CA PRO A 493 -11.32 2.99 13.32
C PRO A 493 -10.34 3.89 14.01
N ALA A 494 -9.31 3.31 14.60
CA ALA A 494 -8.19 4.11 15.06
C ALA A 494 -7.49 4.78 13.83
N PRO A 495 -6.75 5.87 14.05
CA PRO A 495 -6.10 6.62 12.93
C PRO A 495 -5.20 5.63 12.14
N ASN A 496 -5.38 5.57 10.80
CA ASN A 496 -4.62 4.57 10.06
C ASN A 496 -4.29 5.04 8.64
N ASN A 497 -3.69 4.15 7.83
CA ASN A 497 -3.25 4.59 6.50
C ASN A 497 -4.19 4.29 5.36
N GLY A 498 -5.29 3.61 5.67
CA GLY A 498 -6.38 3.54 4.70
C GLY A 498 -6.96 4.92 4.39
N THR A 499 -7.77 4.96 3.35
CA THR A 499 -8.48 6.19 3.00
C THR A 499 -9.96 5.81 3.12
N HIS A 500 -10.57 6.24 4.22
CA HIS A 500 -11.87 5.67 4.62
C HIS A 500 -12.94 6.20 3.70
N GLY A 501 -13.63 5.27 3.05
CA GLY A 501 -14.59 5.56 1.98
C GLY A 501 -14.11 5.04 0.62
N SER A 502 -12.81 4.78 0.47
CA SER A 502 -12.26 4.32 -0.82
C SER A 502 -12.75 2.92 -1.16
N LEU A 503 -13.20 2.13 -0.17
CA LEU A 503 -13.77 0.80 -0.45
C LEU A 503 -15.29 0.74 -0.21
N ASN A 504 -15.96 1.89 -0.24
CA ASN A 504 -17.41 1.86 -0.09
C ASN A 504 -18.12 1.03 -1.14
N HIS A 505 -17.53 0.96 -2.32
CA HIS A 505 -18.11 0.18 -3.42
C HIS A 505 -18.09 -1.34 -3.23
N LEU A 506 -17.46 -1.83 -2.16
CA LEU A 506 -17.52 -3.26 -1.80
C LEU A 506 -18.82 -3.57 -1.03
N LEU A 507 -19.48 -2.53 -0.50
CA LEU A 507 -20.48 -2.73 0.59
C LEU A 507 -21.87 -2.43 0.09
N ARG A 508 -22.82 -3.23 0.55
CA ARG A 508 -24.24 -3.00 0.27
C ARG A 508 -24.75 -1.93 1.20
N THR A 509 -24.27 -1.91 2.44
CA THR A 509 -24.75 -0.97 3.49
C THR A 509 -23.56 -0.65 4.42
N ASN A 510 -23.77 0.16 5.46
CA ASN A 510 -22.70 0.53 6.40
C ASN A 510 -21.60 1.35 5.71
N THR A 511 -21.91 1.98 4.56
CA THR A 511 -20.85 2.75 3.90
C THR A 511 -20.46 3.95 4.80
N PHE A 512 -19.28 4.51 4.57
CA PHE A 512 -18.82 5.59 5.41
C PHE A 512 -18.79 6.77 4.52
N ARG A 513 -19.49 7.83 4.91
CA ARG A 513 -19.65 8.92 3.99
C ARG A 513 -18.83 10.10 4.46
N PRO A 514 -17.55 10.19 4.03
CA PRO A 514 -16.70 11.30 4.48
C PRO A 514 -17.05 12.60 3.75
N THR A 515 -16.71 13.73 4.38
CA THR A 515 -16.74 15.04 3.76
C THR A 515 -15.32 15.35 3.27
N MET A 516 -15.20 16.17 2.23
CA MET A 516 -13.88 16.61 1.79
C MET A 516 -13.22 17.44 2.90
N PRO A 517 -11.89 17.32 3.06
CA PRO A 517 -11.27 18.16 4.09
C PRO A 517 -11.41 19.65 3.80
N ASP A 518 -11.49 20.47 4.84
CA ASP A 518 -11.65 21.91 4.60
C ASP A 518 -10.34 22.54 4.13
N GLU A 519 -10.39 23.45 3.17
CA GLU A 519 -9.22 24.22 2.75
C GLU A 519 -8.80 25.09 3.94
N VAL A 520 -7.52 25.12 4.25
CA VAL A 520 -7.03 25.89 5.39
C VAL A 520 -6.52 27.24 4.91
N SER A 521 -5.82 27.28 3.76
CA SER A 521 -5.26 28.56 3.30
C SER A 521 -5.90 28.96 2.01
N ARG A 522 -6.46 30.17 1.96
CA ARG A 522 -7.02 30.70 0.72
CA ARG A 522 -7.01 30.66 0.71
C ARG A 522 -5.92 31.41 -0.09
N PRO A 523 -5.94 31.24 -1.42
CA PRO A 523 -4.94 31.85 -2.26
C PRO A 523 -5.11 33.37 -2.37
N ASN A 524 -4.02 34.06 -2.63
CA ASN A 524 -4.07 35.44 -3.18
C ASN A 524 -4.12 35.36 -4.70
N TYR A 525 -4.72 36.37 -5.32
CA TYR A 525 -4.77 36.47 -6.75
C TYR A 525 -4.07 37.77 -7.18
N PRO A 526 -2.72 37.79 -7.16
CA PRO A 526 -2.02 39.06 -7.48
C PRO A 526 -2.19 39.52 -8.93
N GLY A 527 -2.28 40.84 -9.10
CA GLY A 527 -2.22 41.38 -10.44
C GLY A 527 -0.83 42.00 -10.65
N ILE A 528 -0.69 42.83 -11.68
CA ILE A 528 0.61 43.41 -11.97
C ILE A 528 0.96 44.48 -10.94
N MET A 529 2.04 44.27 -10.18
CA MET A 529 2.32 45.11 -9.03
CA MET A 529 2.32 45.12 -9.02
C MET A 529 3.76 45.63 -8.96
N TYR A 530 4.61 45.17 -9.89
CA TYR A 530 6.06 45.46 -9.85
C TYR A 530 6.56 45.84 -11.22
N LEU A 531 7.44 46.84 -11.25
CA LEU A 531 8.12 47.14 -12.50
C LEU A 531 9.35 46.25 -12.66
N GLN A 532 9.72 45.97 -13.90
CA GLN A 532 10.86 45.12 -14.23
C GLN A 532 12.12 45.56 -13.49
N SER A 533 12.36 46.86 -13.46
CA SER A 533 13.59 47.34 -12.82
C SER A 533 13.64 47.19 -11.28
N GLU A 534 12.54 46.80 -10.63
CA GLU A 534 12.63 46.53 -9.19
C GLU A 534 13.33 45.21 -8.92
N PHE A 535 13.52 44.39 -9.93
CA PHE A 535 14.12 43.06 -9.71
C PHE A 535 15.59 43.13 -9.96
N ASP A 536 16.34 42.54 -9.05
CA ASP A 536 17.77 42.44 -9.21
C ASP A 536 18.10 40.96 -8.96
N LEU A 537 17.69 40.11 -9.90
CA LEU A 537 17.80 38.67 -9.70
C LEU A 537 18.95 38.07 -10.48
N GLY A 538 19.63 38.88 -11.29
CA GLY A 538 20.76 38.35 -12.05
C GLY A 538 20.32 37.47 -13.20
N CYS A 539 19.03 37.58 -13.56
CA CYS A 539 18.46 36.84 -14.69
C CYS A 539 18.49 37.72 -15.91
N THR A 540 18.59 37.10 -17.07
CA THR A 540 18.50 37.82 -18.32
C THR A 540 17.52 37.06 -19.21
N CYS A 541 16.81 37.79 -20.05
CA CYS A 541 16.07 37.13 -21.13
C CYS A 541 16.08 38.01 -22.38
N ASP A 542 16.25 37.39 -23.53
CA ASP A 542 16.13 38.09 -24.81
C ASP A 542 14.64 38.20 -25.20
N ASP A 543 13.89 39.00 -24.45
CA ASP A 543 12.44 39.10 -24.68
C ASP A 543 11.90 40.50 -25.04
N LYS A 544 12.79 41.44 -25.33
CA LYS A 544 12.37 42.82 -25.63
C LYS A 544 11.82 43.00 -27.06
N VAL A 545 11.22 41.96 -27.65
CA VAL A 545 10.66 42.06 -29.02
C VAL A 545 9.16 42.41 -28.96
N GLU A 546 8.79 43.57 -29.53
CA GLU A 546 7.44 44.14 -29.40
C GLU A 546 6.36 43.28 -30.09
N ASN A 549 -0.07 46.24 -30.17
CA ASN A 549 -1.15 45.61 -30.92
C ASN A 549 -2.39 45.40 -30.04
N LYS A 550 -3.41 46.25 -30.21
CA LYS A 550 -4.62 46.21 -29.36
C LYS A 550 -5.48 44.95 -29.47
N LEU A 551 -5.47 44.32 -30.65
CA LEU A 551 -6.18 43.05 -30.88
C LEU A 551 -5.67 42.00 -29.88
N GLU A 552 -4.37 41.75 -29.92
CA GLU A 552 -3.73 40.74 -29.08
C GLU A 552 -3.39 41.18 -27.65
N GLU A 553 -3.39 42.49 -27.39
CA GLU A 553 -3.18 43.00 -26.03
C GLU A 553 -4.33 42.68 -25.08
N LEU A 554 -5.57 42.70 -25.58
CA LEU A 554 -6.71 42.34 -24.72
C LEU A 554 -6.62 40.86 -24.34
N ASN A 555 -6.19 40.05 -25.29
CA ASN A 555 -5.96 38.60 -25.11
C ASN A 555 -4.99 38.22 -23.98
N LYS A 556 -3.80 38.83 -24.00
CA LYS A 556 -2.77 38.56 -22.99
C LYS A 556 -3.29 38.88 -21.58
N ARG A 557 -4.03 39.99 -21.48
CA ARG A 557 -4.71 40.37 -20.24
C ARG A 557 -5.75 39.34 -19.79
N LEU A 558 -6.56 38.84 -20.72
CA LEU A 558 -7.61 37.87 -20.39
C LEU A 558 -6.96 36.60 -19.85
N HIS A 559 -5.90 36.15 -20.54
CA HIS A 559 -5.16 34.93 -20.16
C HIS A 559 -4.56 35.07 -18.76
N THR A 560 -4.08 36.26 -18.43
CA THR A 560 -3.49 36.48 -17.10
C THR A 560 -4.56 36.57 -16.03
N LYS A 561 -5.80 36.87 -16.44
CA LYS A 561 -6.92 36.84 -15.48
C LYS A 561 -7.64 35.49 -15.42
N GLY A 562 -7.20 34.49 -16.18
CA GLY A 562 -7.76 33.16 -15.97
C GLY A 562 -8.70 32.69 -17.07
N SER A 563 -8.70 33.39 -18.21
CA SER A 563 -9.60 32.99 -19.32
C SER A 563 -9.43 31.56 -19.87
N THR A 564 -8.25 30.96 -19.75
CA THR A 564 -8.07 29.58 -20.24
C THR A 564 -8.09 28.60 -19.08
N LYS A 565 -8.41 29.08 -17.87
CA LYS A 565 -8.24 28.26 -16.64
C LYS A 565 -9.08 26.98 -16.67
N GLU A 566 -10.25 27.06 -17.32
CA GLU A 566 -11.15 25.92 -17.44
C GLU A 566 -10.53 24.78 -18.25
N ARG A 567 -9.67 25.11 -19.19
CA ARG A 567 -9.01 24.10 -19.99
C ARG A 567 -7.88 23.43 -19.18
N HIS A 568 -7.18 24.20 -18.37
CA HIS A 568 -5.93 23.71 -17.74
C HIS A 568 -6.08 23.26 -16.31
N LEU A 569 -7.12 23.73 -15.64
CA LEU A 569 -7.46 23.25 -14.31
C LEU A 569 -8.79 22.49 -14.40
N LEU A 570 -8.73 21.20 -14.65
CA LEU A 570 -9.94 20.45 -15.05
C LEU A 570 -10.79 19.98 -13.88
N TYR A 571 -10.18 19.87 -12.69
CA TYR A 571 -10.86 19.25 -11.54
C TYR A 571 -10.87 20.18 -10.32
N GLY A 572 -10.79 21.50 -10.57
CA GLY A 572 -10.81 22.45 -9.46
C GLY A 572 -9.37 22.75 -9.04
N ARG A 573 -9.15 23.85 -8.36
CA ARG A 573 -7.80 23.99 -7.83
C ARG A 573 -7.62 23.05 -6.62
N PRO A 574 -6.40 22.52 -6.43
CA PRO A 574 -6.10 21.72 -5.26
C PRO A 574 -6.34 22.54 -4.00
N ALA A 575 -6.86 21.94 -2.94
CA ALA A 575 -7.00 22.67 -1.68
C ALA A 575 -5.70 22.56 -0.87
N VAL A 576 -5.25 23.67 -0.29
CA VAL A 576 -4.04 23.65 0.58
C VAL A 576 -4.52 23.41 2.00
N LEU A 577 -4.13 22.27 2.59
CA LEU A 577 -4.65 21.85 3.91
C LEU A 577 -3.76 22.24 5.07
N TYR A 578 -2.96 23.26 4.89
CA TYR A 578 -2.17 23.71 6.02
C TYR A 578 -2.06 25.21 5.90
N ARG A 579 -1.52 25.83 6.94
CA ARG A 579 -1.41 27.31 6.97
C ARG A 579 -0.19 27.81 6.18
N THR A 580 -0.42 28.60 5.14
CA THR A 580 0.71 29.13 4.34
C THR A 580 0.27 30.30 3.47
N SER A 581 1.21 30.93 2.79
CA SER A 581 0.93 32.09 1.99
CA SER A 581 0.90 32.08 1.97
C SER A 581 1.23 31.75 0.53
N TYR A 582 0.21 31.76 -0.32
CA TYR A 582 0.45 31.40 -1.71
C TYR A 582 -0.45 32.16 -2.66
N ASP A 583 -0.01 32.25 -3.90
CA ASP A 583 -0.67 32.99 -4.95
C ASP A 583 -1.11 32.10 -6.07
N ILE A 584 -2.32 32.29 -6.59
CA ILE A 584 -2.69 31.65 -7.86
C ILE A 584 -2.19 32.53 -9.01
N LEU A 585 -1.47 31.92 -9.94
CA LEU A 585 -0.97 32.58 -11.15
C LEU A 585 -1.57 31.94 -12.39
N TYR A 586 -2.23 32.76 -13.23
CA TYR A 586 -2.84 32.22 -14.46
C TYR A 586 -1.97 32.52 -15.68
N HIS A 587 -1.99 31.63 -16.67
CA HIS A 587 -1.27 31.86 -17.91
C HIS A 587 -2.06 31.18 -19.03
N THR A 588 -1.74 31.52 -20.27
CA THR A 588 -2.36 30.89 -21.42
C THR A 588 -2.39 29.37 -21.36
N ASP A 589 -1.23 28.78 -21.02
CA ASP A 589 -1.04 27.34 -21.12
C ASP A 589 -1.02 26.58 -19.79
N PHE A 590 -1.02 27.28 -18.67
CA PHE A 590 -0.93 26.59 -17.38
C PHE A 590 -1.36 27.50 -16.24
N GLU A 591 -1.72 26.89 -15.10
CA GLU A 591 -2.11 27.64 -13.90
CA GLU A 591 -2.05 27.69 -13.92
C GLU A 591 -1.24 27.09 -12.78
N SER A 592 -0.84 27.94 -11.84
CA SER A 592 -0.03 27.44 -10.74
C SER A 592 -0.46 28.04 -9.40
N GLY A 593 -0.14 27.32 -8.32
CA GLY A 593 -0.28 27.83 -6.99
C GLY A 593 1.11 28.04 -6.45
N TYR A 594 1.50 29.30 -6.37
CA TYR A 594 2.90 29.71 -6.11
C TYR A 594 3.12 30.03 -4.62
N SER A 595 4.05 29.33 -3.96
CA SER A 595 4.27 29.49 -2.51
C SER A 595 5.22 30.63 -2.30
N GLU A 596 4.81 31.65 -1.53
CA GLU A 596 5.74 32.73 -1.17
C GLU A 596 6.77 32.27 -0.14
N ILE A 597 6.50 31.15 0.51
CA ILE A 597 7.35 30.64 1.60
C ILE A 597 8.47 29.77 0.99
N PHE A 598 8.12 28.84 0.11
CA PHE A 598 9.10 27.98 -0.56
C PHE A 598 9.66 28.56 -1.86
N LEU A 599 9.14 29.73 -2.32
CA LEU A 599 9.63 30.43 -3.53
C LEU A 599 9.46 29.66 -4.84
N MET A 600 8.43 28.81 -4.91
CA MET A 600 8.18 28.04 -6.10
C MET A 600 6.74 27.51 -6.02
N PRO A 601 6.22 26.97 -7.13
CA PRO A 601 4.85 26.45 -7.08
C PRO A 601 4.76 25.23 -6.18
N LEU A 602 3.63 25.16 -5.47
CA LEU A 602 3.27 23.89 -4.83
C LEU A 602 2.72 22.93 -5.86
N TRP A 603 2.15 23.50 -6.92
CA TRP A 603 1.50 22.72 -7.99
C TRP A 603 1.40 23.59 -9.23
N THR A 604 1.43 22.93 -10.37
CA THR A 604 1.36 23.58 -11.69
C THR A 604 0.49 22.64 -12.53
N SER A 605 -0.62 23.19 -13.07
CA SER A 605 -1.63 22.35 -13.74
C SER A 605 -1.74 22.79 -15.21
N TYR A 606 -1.70 21.80 -16.12
CA TYR A 606 -1.86 22.12 -17.54
C TYR A 606 -2.44 20.94 -18.30
N THR A 607 -3.15 21.25 -19.37
CA THR A 607 -3.73 20.20 -20.21
C THR A 607 -3.05 20.20 -21.59
N ILE A 608 -2.74 18.98 -22.07
CA ILE A 608 -2.12 18.74 -23.37
C ILE A 608 -3.09 17.87 -24.16
N SER A 609 -3.67 18.44 -25.21
CA SER A 609 -4.56 17.61 -26.00
C SER A 609 -3.80 16.61 -26.91
N LYS A 610 -4.55 15.64 -27.46
CA LYS A 610 -3.98 14.69 -28.40
C LYS A 610 -3.33 15.41 -29.59
N GLN A 611 -3.87 16.56 -29.98
CA GLN A 611 -3.38 17.32 -31.15
C GLN A 611 -2.20 18.22 -30.86
N ALA A 612 -1.82 18.37 -29.58
CA ALA A 612 -0.76 19.32 -29.21
C ALA A 612 0.54 19.04 -29.93
N GLU A 613 1.27 20.10 -30.23
CA GLU A 613 2.54 20.00 -30.92
C GLU A 613 3.69 20.29 -29.93
N VAL A 614 4.77 19.53 -30.06
CA VAL A 614 5.99 19.75 -29.29
C VAL A 614 6.93 20.66 -30.09
N SER A 615 7.48 21.67 -29.42
CA SER A 615 8.45 22.53 -30.09
C SER A 615 9.73 22.56 -29.28
N SER A 616 10.77 23.22 -29.79
CA SER A 616 12.05 23.24 -29.08
C SER A 616 12.14 24.55 -28.29
N ILE A 617 13.13 24.68 -27.42
CA ILE A 617 13.40 25.99 -26.85
C ILE A 617 14.28 26.75 -27.88
N PRO A 618 13.76 27.87 -28.43
CA PRO A 618 14.52 28.67 -29.37
C PRO A 618 15.91 29.02 -28.85
N GLU A 619 16.87 29.09 -29.76
CA GLU A 619 18.26 29.39 -29.45
C GLU A 619 18.41 30.63 -28.59
N HIS A 620 17.69 31.69 -28.94
CA HIS A 620 17.86 32.98 -28.26
C HIS A 620 17.27 32.94 -26.84
N LEU A 621 16.55 31.87 -26.50
CA LEU A 621 15.84 31.78 -25.20
C LEU A 621 16.41 30.68 -24.28
N THR A 622 17.54 30.07 -24.68
CA THR A 622 18.13 28.95 -23.91
C THR A 622 18.32 29.22 -22.42
N ASN A 623 18.85 30.39 -22.08
CA ASN A 623 19.08 30.74 -20.68
C ASN A 623 18.15 31.83 -20.16
N CYS A 624 17.03 32.00 -20.84
CA CYS A 624 16.05 33.05 -20.49
C CYS A 624 15.34 32.74 -19.15
N VAL A 625 15.41 33.65 -18.20
CA VAL A 625 14.53 33.65 -16.99
C VAL A 625 13.98 35.06 -16.84
N ARG A 626 12.66 35.17 -16.64
CA ARG A 626 11.94 36.45 -16.68
C ARG A 626 11.29 36.74 -15.32
N PRO A 627 11.59 37.91 -14.73
CA PRO A 627 10.82 38.33 -13.55
C PRO A 627 9.31 38.29 -13.78
N ASP A 628 8.58 37.90 -12.73
CA ASP A 628 7.14 37.85 -12.79
C ASP A 628 6.65 39.11 -12.08
N VAL A 629 6.05 40.00 -12.83
CA VAL A 629 5.66 41.34 -12.29
C VAL A 629 4.45 41.27 -11.35
N ARG A 630 3.87 40.07 -11.17
CA ARG A 630 2.83 39.85 -10.16
C ARG A 630 3.39 39.48 -8.78
N VAL A 631 4.68 39.16 -8.71
CA VAL A 631 5.27 38.55 -7.50
C VAL A 631 6.51 39.33 -7.12
N SER A 632 6.58 39.69 -5.84
CA SER A 632 7.64 40.59 -5.38
CA SER A 632 7.62 40.58 -5.36
C SER A 632 9.04 40.01 -5.56
N PRO A 633 10.04 40.90 -5.80
CA PRO A 633 11.43 40.43 -5.81
C PRO A 633 11.73 39.61 -4.55
N GLY A 634 11.22 40.06 -3.41
CA GLY A 634 11.48 39.42 -2.13
C GLY A 634 10.94 37.98 -2.06
N PHE A 635 9.89 37.70 -2.82
CA PHE A 635 9.29 36.36 -2.84
C PHE A 635 9.60 35.60 -4.13
N SER A 636 10.72 35.95 -4.75
CA SER A 636 11.14 35.33 -6.03
C SER A 636 12.47 34.61 -5.85
N GLN A 637 12.70 33.60 -6.68
CA GLN A 637 14.03 33.00 -6.76
C GLN A 637 14.94 34.00 -7.54
N ASN A 638 16.22 33.71 -7.60
CA ASN A 638 17.14 34.56 -8.37
C ASN A 638 18.13 33.66 -9.12
N CYS A 639 18.59 34.16 -10.25
CA CYS A 639 19.49 33.39 -11.13
C CYS A 639 20.91 33.33 -10.60
N LEU A 640 21.28 34.32 -9.81
CA LEU A 640 22.65 34.37 -9.33
C LEU A 640 22.96 33.19 -8.42
N ALA A 641 22.00 32.81 -7.56
CA ALA A 641 22.20 31.67 -6.67
C ALA A 641 22.51 30.41 -7.50
N TYR A 642 21.81 30.21 -8.62
CA TYR A 642 22.04 29.06 -9.45
C TYR A 642 23.38 29.14 -10.13
N LYS A 643 23.78 30.33 -10.54
CA LYS A 643 25.10 30.51 -11.13
C LYS A 643 26.18 30.15 -10.14
N ASN A 644 26.06 30.64 -8.90
CA ASN A 644 27.04 30.35 -7.85
C ASN A 644 27.05 28.93 -7.33
N ASP A 645 25.90 28.25 -7.39
CA ASP A 645 25.79 26.88 -6.87
C ASP A 645 26.26 25.97 -7.98
N LYS A 646 27.47 25.46 -7.81
CA LYS A 646 28.07 24.69 -8.88
C LYS A 646 27.48 23.30 -9.07
N GLN A 647 26.72 22.81 -8.08
CA GLN A 647 26.06 21.51 -8.16
C GLN A 647 24.62 21.60 -8.69
N MET A 648 23.98 22.75 -8.49
CA MET A 648 22.53 22.85 -8.72
C MET A 648 22.23 23.62 -9.98
N SER A 649 21.32 23.13 -10.80
CA SER A 649 20.82 23.89 -11.94
C SER A 649 19.32 24.12 -11.74
N TYR A 650 18.56 24.36 -12.81
CA TYR A 650 17.12 24.59 -12.66
C TYR A 650 16.35 24.03 -13.82
N GLY A 651 15.06 23.79 -13.60
CA GLY A 651 14.16 23.34 -14.66
C GLY A 651 12.84 24.08 -14.48
N PHE A 652 11.84 23.70 -15.26
CA PHE A 652 10.57 24.43 -15.28
C PHE A 652 9.46 23.42 -15.04
N LEU A 653 8.46 23.81 -14.26
CA LEU A 653 7.34 22.88 -14.00
C LEU A 653 6.42 22.74 -15.21
N PHE A 654 5.94 23.86 -15.76
CA PHE A 654 5.30 23.78 -17.06
C PHE A 654 6.39 23.78 -18.13
N PRO A 655 6.41 22.78 -19.02
CA PRO A 655 7.53 22.61 -19.94
C PRO A 655 7.45 23.60 -21.13
N PRO A 656 8.48 24.41 -21.34
CA PRO A 656 8.50 25.27 -22.53
C PRO A 656 8.23 24.53 -23.86
N TYR A 657 8.62 23.23 -23.94
CA TYR A 657 8.41 22.43 -25.16
C TYR A 657 6.97 22.34 -25.60
N LEU A 658 6.04 22.53 -24.66
CA LEU A 658 4.63 22.30 -24.96
C LEU A 658 3.82 23.59 -25.04
N SER A 659 4.54 24.71 -25.17
CA SER A 659 3.88 26.01 -25.35
C SER A 659 2.92 25.99 -26.55
N SER A 660 1.82 26.72 -26.44
CA SER A 660 0.78 26.69 -27.47
C SER A 660 1.15 27.57 -28.65
N SER A 661 2.10 28.48 -28.46
CA SER A 661 2.50 29.45 -29.49
C SER A 661 3.81 30.08 -29.08
N PRO A 662 4.56 30.61 -30.07
CA PRO A 662 5.81 31.30 -29.75
C PRO A 662 5.66 32.35 -28.67
N GLU A 663 4.57 33.12 -28.72
CA GLU A 663 4.35 34.15 -27.73
C GLU A 663 4.03 33.57 -26.33
N ALA A 664 3.22 32.50 -26.26
CA ALA A 664 2.89 31.93 -24.94
C ALA A 664 4.14 31.29 -24.31
N LYS A 665 5.09 30.88 -25.17
CA LYS A 665 6.31 30.28 -24.66
C LYS A 665 7.02 31.18 -23.65
N TYR A 666 6.97 32.50 -23.80
CA TYR A 666 7.63 33.38 -22.81
C TYR A 666 7.16 33.17 -21.38
N ASP A 667 5.89 32.82 -21.19
CA ASP A 667 5.34 32.57 -19.85
C ASP A 667 6.09 31.42 -19.18
N ALA A 668 6.50 30.43 -19.98
CA ALA A 668 7.18 29.23 -19.41
C ALA A 668 8.53 29.59 -18.78
N PHE A 669 9.10 30.74 -19.15
CA PHE A 669 10.40 31.15 -18.61
C PHE A 669 10.30 32.11 -17.42
N LEU A 670 9.09 32.34 -16.94
CA LEU A 670 8.91 33.12 -15.71
C LEU A 670 9.66 32.49 -14.55
N VAL A 671 10.23 33.36 -13.73
CA VAL A 671 10.96 32.92 -12.55
C VAL A 671 10.05 32.16 -11.59
N THR A 672 8.75 32.40 -11.72
CA THR A 672 7.76 31.72 -10.87
C THR A 672 7.42 30.30 -11.35
N ASN A 673 8.00 29.90 -12.48
CA ASN A 673 7.78 28.55 -13.04
C ASN A 673 9.05 27.70 -12.88
N MET A 674 10.09 28.31 -12.32
CA MET A 674 11.44 27.67 -12.19
CA MET A 674 11.39 27.61 -12.21
C MET A 674 11.56 26.87 -10.86
N VAL A 675 12.28 25.75 -10.89
CA VAL A 675 12.48 24.95 -9.71
C VAL A 675 13.91 24.40 -9.71
N PRO A 676 14.48 24.14 -8.53
CA PRO A 676 15.88 23.74 -8.56
C PRO A 676 16.01 22.28 -9.00
N MET A 677 16.96 22.02 -9.91
CA MET A 677 17.19 20.65 -10.40
C MET A 677 18.67 20.35 -10.61
N TYR A 678 19.12 19.24 -10.02
CA TYR A 678 20.46 18.71 -10.35
C TYR A 678 20.53 18.39 -11.85
N PRO A 679 21.69 18.66 -12.49
CA PRO A 679 21.84 18.35 -13.91
C PRO A 679 21.48 16.88 -14.19
N ALA A 680 21.85 15.97 -13.32
CA ALA A 680 21.54 14.56 -13.53
C ALA A 680 20.03 14.33 -13.59
N PHE A 681 19.33 15.01 -12.69
CA PHE A 681 17.87 14.93 -12.72
C PHE A 681 17.24 15.62 -13.89
N LYS A 682 17.85 16.71 -14.35
CA LYS A 682 17.32 17.38 -15.54
C LYS A 682 17.30 16.48 -16.74
N ARG A 683 18.23 15.54 -16.83
CA ARG A 683 18.09 14.51 -17.90
C ARG A 683 16.75 13.75 -17.87
N VAL A 684 16.36 13.33 -16.67
CA VAL A 684 15.10 12.63 -16.48
C VAL A 684 13.87 13.53 -16.80
N TRP A 685 13.90 14.72 -16.20
CA TRP A 685 12.80 15.67 -16.30
C TRP A 685 12.56 16.16 -17.72
N ALA A 686 13.64 16.48 -18.43
CA ALA A 686 13.54 16.96 -19.78
C ALA A 686 12.97 15.88 -20.70
N TYR A 687 13.38 14.63 -20.49
CA TYR A 687 12.83 13.57 -21.31
C TYR A 687 11.34 13.35 -21.02
N PHE A 688 10.96 13.38 -19.74
CA PHE A 688 9.54 13.31 -19.37
C PHE A 688 8.74 14.41 -20.08
N GLN A 689 9.24 15.65 -19.98
CA GLN A 689 8.50 16.81 -20.49
C GLN A 689 8.51 16.93 -22.03
N ARG A 690 9.65 16.61 -22.66
CA ARG A 690 9.79 16.74 -24.12
C ARG A 690 9.17 15.57 -24.89
N VAL A 691 9.35 14.36 -24.37
CA VAL A 691 8.87 13.16 -25.04
C VAL A 691 7.64 12.51 -24.40
N LEU A 692 7.66 12.27 -23.10
CA LEU A 692 6.66 11.39 -22.54
C LEU A 692 5.28 12.01 -22.38
N VAL A 693 5.23 13.28 -21.98
CA VAL A 693 3.92 13.95 -21.88
C VAL A 693 3.15 13.83 -23.21
N LYS A 694 3.81 14.21 -24.33
CA LYS A 694 3.11 14.14 -25.60
CA LYS A 694 3.20 14.12 -25.66
C LYS A 694 2.74 12.67 -25.94
N LYS A 695 3.62 11.74 -25.62
CA LYS A 695 3.29 10.32 -25.78
C LYS A 695 2.04 9.93 -25.03
N TYR A 696 1.90 10.37 -23.77
CA TYR A 696 0.71 10.01 -23.00
C TYR A 696 -0.54 10.72 -23.59
N ALA A 697 -0.39 11.94 -24.10
CA ALA A 697 -1.55 12.66 -24.60
C ALA A 697 -2.02 11.95 -25.89
N SER A 698 -1.06 11.44 -26.65
CA SER A 698 -1.39 10.69 -27.87
CA SER A 698 -1.40 10.71 -27.88
C SER A 698 -2.12 9.40 -27.54
N GLU A 699 -1.58 8.65 -26.59
CA GLU A 699 -2.15 7.39 -26.13
C GLU A 699 -3.47 7.45 -25.37
N ARG A 700 -3.69 8.53 -24.62
CA ARG A 700 -4.81 8.63 -23.65
CA ARG A 700 -4.82 8.63 -23.66
C ARG A 700 -5.90 9.58 -24.13
N ASN A 701 -5.67 10.16 -25.32
CA ASN A 701 -6.56 11.16 -25.91
C ASN A 701 -6.57 12.45 -25.07
N GLY A 702 -5.39 13.04 -24.95
CA GLY A 702 -5.17 14.22 -24.11
C GLY A 702 -4.85 13.78 -22.66
N VAL A 703 -4.09 14.61 -21.95
CA VAL A 703 -3.89 14.43 -20.50
C VAL A 703 -3.90 15.78 -19.79
N ASN A 704 -4.35 15.77 -18.54
CA ASN A 704 -4.15 16.91 -17.70
C ASN A 704 -3.00 16.51 -16.78
N VAL A 705 -2.04 17.40 -16.63
CA VAL A 705 -0.85 17.13 -15.78
C VAL A 705 -0.83 18.11 -14.59
N ILE A 706 -0.63 17.62 -13.35
CA ILE A 706 -0.32 18.53 -12.25
C ILE A 706 1.07 18.08 -11.78
N SER A 707 2.03 19.01 -11.75
CA SER A 707 3.41 18.66 -11.32
C SER A 707 3.82 19.56 -10.22
N GLY A 708 4.78 19.11 -9.40
CA GLY A 708 5.27 20.00 -8.36
C GLY A 708 6.42 19.39 -7.59
N PRO A 709 6.89 20.14 -6.60
CA PRO A 709 7.99 19.68 -5.78
C PRO A 709 7.44 18.95 -4.55
N ILE A 710 8.26 18.08 -3.96
CA ILE A 710 7.98 17.47 -2.64
C ILE A 710 9.21 17.61 -1.74
N PHE A 711 8.97 17.89 -0.46
CA PHE A 711 10.09 17.99 0.49
C PHE A 711 9.82 16.99 1.58
N ASP A 712 10.64 15.93 1.66
CA ASP A 712 10.48 14.95 2.72
C ASP A 712 11.85 14.54 3.23
N TYR A 713 12.52 15.51 3.85
CA TYR A 713 13.87 15.27 4.35
C TYR A 713 13.95 14.28 5.53
N ASN A 714 12.87 14.12 6.30
CA ASN A 714 12.86 13.15 7.41
C ASN A 714 12.17 11.83 7.03
N TYR A 715 11.96 11.66 5.72
CA TYR A 715 11.40 10.44 5.13
C TYR A 715 10.23 9.82 5.93
N ASP A 716 9.31 10.68 6.35
CA ASP A 716 8.15 10.17 7.10
C ASP A 716 6.90 10.04 6.20
N GLY A 717 7.08 10.32 4.92
CA GLY A 717 5.92 10.28 3.99
C GLY A 717 5.00 11.49 4.09
N LEU A 718 5.38 12.50 4.88
CA LEU A 718 4.53 13.64 5.14
C LEU A 718 5.23 14.94 4.79
N ARG A 719 4.47 15.90 4.25
CA ARG A 719 5.00 17.22 3.90
C ARG A 719 5.93 17.81 5.00
N ASP A 720 7.10 18.29 4.62
CA ASP A 720 8.00 18.96 5.58
C ASP A 720 7.53 20.38 5.83
N THR A 721 7.68 20.84 7.07
CA THR A 721 7.60 22.28 7.34
C THR A 721 8.95 22.89 6.91
N GLU A 722 9.04 24.22 6.81
CA GLU A 722 10.28 24.84 6.30
C GLU A 722 11.47 24.56 7.19
N ASP A 723 11.25 24.38 8.48
CA ASP A 723 12.38 24.16 9.39
C ASP A 723 12.96 22.76 9.35
N GLU A 724 12.41 21.89 8.49
CA GLU A 724 12.90 20.51 8.27
C GLU A 724 13.79 20.36 7.02
N ILE A 725 13.92 21.45 6.26
CA ILE A 725 14.63 21.42 4.98
C ILE A 725 16.14 21.39 5.22
N LYS A 726 16.81 20.38 4.69
CA LYS A 726 18.25 20.24 4.94
C LYS A 726 19.16 20.84 3.91
N GLN A 727 18.61 21.25 2.77
CA GLN A 727 19.45 21.74 1.69
CA GLN A 727 19.44 21.71 1.66
C GLN A 727 18.76 22.85 0.91
N TYR A 728 19.52 23.91 0.67
CA TYR A 728 19.09 25.11 -0.07
C TYR A 728 20.04 25.30 -1.23
N VAL A 729 19.57 26.00 -2.28
CA VAL A 729 20.44 26.45 -3.35
C VAL A 729 21.47 27.40 -2.71
N GLU A 730 22.73 27.14 -2.98
CA GLU A 730 23.84 27.79 -2.25
C GLU A 730 23.66 29.33 -2.16
N GLY A 731 23.72 29.84 -0.94
CA GLY A 731 23.64 31.28 -0.71
C GLY A 731 22.25 31.87 -0.80
N SER A 732 21.20 31.04 -0.78
CA SER A 732 19.84 31.55 -0.92
C SER A 732 18.93 30.85 0.08
N SER A 733 17.66 31.26 0.08
CA SER A 733 16.62 30.61 0.86
C SER A 733 15.72 29.77 -0.05
N ILE A 734 16.26 29.36 -1.19
CA ILE A 734 15.52 28.50 -2.15
C ILE A 734 15.70 27.04 -1.68
N PRO A 735 14.62 26.41 -1.21
CA PRO A 735 14.76 25.03 -0.68
C PRO A 735 14.89 23.98 -1.80
N VAL A 736 15.64 22.90 -1.59
CA VAL A 736 15.82 21.93 -2.64
C VAL A 736 14.82 20.79 -2.39
N PRO A 737 13.96 20.50 -3.38
CA PRO A 737 13.05 19.38 -3.20
C PRO A 737 13.79 18.03 -3.08
N THR A 738 13.23 17.11 -2.32
CA THR A 738 13.73 15.74 -2.33
C THR A 738 13.14 14.94 -3.49
N HIS A 739 11.98 15.34 -4.02
CA HIS A 739 11.28 14.62 -5.06
C HIS A 739 10.48 15.58 -5.94
N TYR A 740 10.20 15.16 -7.17
CA TYR A 740 9.22 15.86 -8.00
C TYR A 740 8.11 14.91 -8.37
N TYR A 741 6.87 15.38 -8.30
CA TYR A 741 5.69 14.53 -8.62
C TYR A 741 5.01 15.01 -9.91
N SER A 742 4.26 14.10 -10.51
CA SER A 742 3.27 14.48 -11.55
C SER A 742 2.08 13.57 -11.39
N ILE A 743 0.89 14.15 -11.57
CA ILE A 743 -0.35 13.44 -11.58
C ILE A 743 -0.93 13.61 -12.99
N ILE A 744 -1.16 12.51 -13.68
CA ILE A 744 -1.52 12.61 -15.09
C ILE A 744 -2.92 11.97 -15.25
N THR A 745 -3.90 12.81 -15.54
CA THR A 745 -5.33 12.40 -15.51
C THR A 745 -5.91 12.49 -16.92
N SER A 746 -6.76 11.54 -17.26
CA SER A 746 -7.49 11.59 -18.53
C SER A 746 -8.85 10.91 -18.35
N CYS A 747 -9.61 10.75 -19.45
CA CYS A 747 -10.94 10.13 -19.37
C CYS A 747 -10.81 8.62 -19.39
N LEU A 748 -11.52 7.90 -18.53
CA LEU A 748 -11.38 6.44 -18.52
C LEU A 748 -11.87 5.93 -19.89
N ASP A 749 -12.90 6.58 -20.40
CA ASP A 749 -13.35 6.30 -21.77
C ASP A 749 -12.52 7.16 -22.70
N PHE A 750 -11.48 6.58 -23.26
CA PHE A 750 -10.51 7.31 -24.07
C PHE A 750 -11.04 7.75 -25.42
N THR A 751 -12.30 7.42 -25.75
CA THR A 751 -12.96 8.03 -26.90
C THR A 751 -13.29 9.48 -26.64
N GLN A 752 -13.34 9.91 -25.37
CA GLN A 752 -13.53 11.31 -25.05
C GLN A 752 -12.19 11.95 -24.66
N PRO A 753 -11.95 13.18 -25.13
CA PRO A 753 -10.72 13.87 -24.80
C PRO A 753 -10.70 14.23 -23.32
N ALA A 754 -9.50 14.32 -22.76
CA ALA A 754 -9.32 14.65 -21.34
C ALA A 754 -10.14 15.85 -20.90
N ASP A 755 -10.14 16.89 -21.74
CA ASP A 755 -10.86 18.12 -21.38
C ASP A 755 -12.37 18.13 -21.64
N LYS A 756 -12.92 17.03 -22.15
CA LYS A 756 -14.39 16.92 -22.33
C LYS A 756 -14.87 15.56 -21.91
N CYS A 757 -14.58 15.19 -20.67
CA CYS A 757 -14.83 13.85 -20.17
C CYS A 757 -16.13 13.86 -19.36
N ASP A 758 -17.07 13.02 -19.76
CA ASP A 758 -18.36 12.96 -19.07
C ASP A 758 -18.42 12.03 -17.88
N GLY A 759 -17.54 11.02 -17.81
CA GLY A 759 -17.70 10.02 -16.77
C GLY A 759 -16.42 9.79 -15.96
N PRO A 760 -16.17 8.54 -15.57
CA PRO A 760 -15.01 8.25 -14.72
C PRO A 760 -13.67 8.65 -15.32
N LEU A 761 -12.70 8.87 -14.42
CA LEU A 761 -11.37 9.33 -14.77
C LEU A 761 -10.40 8.17 -14.74
N SER A 762 -9.25 8.38 -15.37
CA SER A 762 -8.15 7.45 -15.34
C SER A 762 -6.89 8.24 -14.90
N VAL A 763 -6.09 7.69 -13.98
CA VAL A 763 -4.94 8.44 -13.49
C VAL A 763 -3.69 7.57 -13.47
N SER A 764 -2.53 8.17 -13.71
CA SER A 764 -1.24 7.55 -13.31
C SER A 764 -0.38 8.67 -12.71
N SER A 765 0.45 8.34 -11.75
CA SER A 765 1.22 9.36 -11.06
C SER A 765 2.58 8.82 -10.71
N PHE A 766 3.52 9.72 -10.45
CA PHE A 766 4.82 9.30 -9.99
C PHE A 766 5.41 10.31 -9.01
N ILE A 767 6.37 9.83 -8.22
CA ILE A 767 7.10 10.67 -7.27
C ILE A 767 8.58 10.35 -7.53
N LEU A 768 9.25 11.18 -8.35
CA LEU A 768 10.59 10.83 -8.75
C LEU A 768 11.58 11.39 -7.75
N PRO A 769 12.55 10.58 -7.31
CA PRO A 769 13.59 11.11 -6.41
C PRO A 769 14.47 12.13 -7.12
N HIS A 770 14.75 13.22 -6.41
CA HIS A 770 15.51 14.32 -6.99
C HIS A 770 16.96 14.08 -6.59
N ARG A 771 17.64 13.26 -7.37
CA ARG A 771 19.02 12.85 -7.01
C ARG A 771 20.08 13.50 -7.88
N PRO A 772 21.26 13.76 -7.32
CA PRO A 772 22.36 14.40 -8.02
C PRO A 772 23.12 13.48 -8.95
N ASP A 773 22.77 12.21 -8.98
CA ASP A 773 23.33 11.24 -9.90
C ASP A 773 22.23 10.31 -10.34
N ASN A 774 22.50 9.53 -11.37
CA ASN A 774 21.59 8.52 -11.87
C ASN A 774 22.13 7.12 -11.57
N ASP A 775 22.75 7.00 -10.40
CA ASP A 775 23.38 5.72 -9.99
C ASP A 775 22.32 4.64 -9.87
N GLU A 776 21.08 5.04 -9.57
CA GLU A 776 19.96 4.07 -9.51
C GLU A 776 19.70 3.35 -10.85
N SER A 777 19.96 4.04 -11.96
CA SER A 777 19.69 3.52 -13.27
C SER A 777 21.01 3.03 -13.90
N CYS A 778 21.22 1.72 -13.89
CA CYS A 778 22.50 1.14 -14.36
C CYS A 778 22.80 1.42 -15.83
N ASN A 779 21.76 1.68 -16.62
CA ASN A 779 21.87 2.02 -18.04
C ASN A 779 21.88 3.51 -18.37
N SER A 780 22.13 4.36 -17.37
CA SER A 780 21.96 5.82 -17.56
C SER A 780 22.97 6.51 -18.51
N SER A 781 24.08 5.86 -18.84
CA SER A 781 24.99 6.44 -19.82
CA SER A 781 25.00 6.40 -19.85
C SER A 781 24.36 6.36 -21.22
N GLU A 782 23.32 5.56 -21.37
CA GLU A 782 22.62 5.45 -22.62
C GLU A 782 21.62 6.60 -22.84
N ASP A 783 21.01 6.61 -24.02
CA ASP A 783 20.01 7.62 -24.35
C ASP A 783 18.86 7.46 -23.36
N GLU A 784 18.24 8.57 -22.98
CA GLU A 784 17.11 8.59 -22.04
C GLU A 784 16.00 7.61 -22.45
N SER A 785 15.86 7.35 -23.75
CA SER A 785 14.85 6.41 -24.26
C SER A 785 15.04 4.97 -23.80
N LYS A 786 16.20 4.68 -23.21
CA LYS A 786 16.52 3.33 -22.77
C LYS A 786 16.42 3.14 -21.26
N TRP A 787 16.17 4.20 -20.49
CA TRP A 787 16.22 4.06 -19.05
C TRP A 787 15.25 4.95 -18.26
N VAL A 788 14.84 6.08 -18.83
CA VAL A 788 14.05 7.06 -18.05
C VAL A 788 12.65 6.55 -17.72
N GLU A 789 11.95 6.00 -18.71
CA GLU A 789 10.59 5.55 -18.42
C GLU A 789 10.59 4.38 -17.40
N GLU A 790 11.62 3.53 -17.46
CA GLU A 790 11.82 2.44 -16.50
C GLU A 790 12.00 2.96 -15.06
N LEU A 791 12.82 3.99 -14.93
CA LEU A 791 12.92 4.69 -13.65
C LEU A 791 11.55 5.24 -13.14
N MET A 792 10.87 5.93 -14.02
CA MET A 792 9.53 6.48 -13.68
C MET A 792 8.54 5.41 -13.25
N LYS A 793 8.53 4.27 -13.94
CA LYS A 793 7.67 3.15 -13.57
C LYS A 793 7.97 2.64 -12.18
N MET A 794 9.26 2.55 -11.81
CA MET A 794 9.66 2.07 -10.50
CA MET A 794 9.65 2.08 -10.48
C MET A 794 9.10 3.02 -9.42
N HIS A 795 8.97 4.29 -9.77
CA HIS A 795 8.55 5.35 -8.83
C HIS A 795 7.10 5.80 -9.02
N THR A 796 6.31 4.89 -9.57
CA THR A 796 4.89 5.09 -9.70
C THR A 796 4.26 5.33 -8.31
N ALA A 797 3.18 6.10 -8.24
CA ALA A 797 2.61 6.48 -6.93
C ALA A 797 1.12 6.64 -7.00
N ARG A 798 0.46 6.58 -5.84
CA ARG A 798 -0.97 6.94 -5.77
C ARG A 798 -1.07 8.44 -5.57
N VAL A 799 -2.16 9.03 -6.05
CA VAL A 799 -2.45 10.43 -5.73
C VAL A 799 -2.44 10.62 -4.22
N ARG A 800 -2.96 9.67 -3.45
CA ARG A 800 -2.97 9.82 -2.02
C ARG A 800 -1.56 9.98 -1.43
N ASP A 801 -0.57 9.32 -2.04
CA ASP A 801 0.84 9.39 -1.51
C ASP A 801 1.31 10.84 -1.68
N ILE A 802 0.99 11.42 -2.83
CA ILE A 802 1.36 12.81 -3.12
C ILE A 802 0.63 13.75 -2.20
N GLU A 803 -0.66 13.47 -1.92
CA GLU A 803 -1.39 14.28 -0.94
C GLU A 803 -0.71 14.31 0.42
N HIS A 804 -0.30 13.14 0.93
CA HIS A 804 0.41 13.12 2.21
C HIS A 804 1.68 13.99 2.17
N LEU A 805 2.41 13.88 1.06
CA LEU A 805 3.71 14.52 0.87
C LEU A 805 3.66 16.01 0.63
N THR A 806 2.48 16.51 0.27
CA THR A 806 2.33 17.95 -0.09
C THR A 806 1.32 18.74 0.74
N GLY A 807 0.46 18.06 1.49
CA GLY A 807 -0.64 18.75 2.22
C GLY A 807 -1.63 19.36 1.24
N LEU A 808 -1.69 18.82 0.00
CA LEU A 808 -2.71 19.26 -0.96
C LEU A 808 -3.82 18.20 -1.08
N ASP A 809 -5.01 18.65 -1.48
CA ASP A 809 -6.15 17.76 -1.73
C ASP A 809 -6.62 18.04 -3.18
N PHE A 810 -6.54 17.01 -4.02
CA PHE A 810 -6.85 17.10 -5.45
C PHE A 810 -8.29 16.65 -5.73
N TYR A 811 -8.68 16.85 -6.97
CA TYR A 811 -10.02 16.44 -7.51
C TYR A 811 -11.20 16.99 -6.70
N ARG A 812 -11.13 18.26 -6.35
CA ARG A 812 -12.13 18.87 -5.46
C ARG A 812 -13.42 19.21 -6.23
N LYS A 813 -13.30 19.39 -7.54
CA LYS A 813 -14.44 19.75 -8.40
C LYS A 813 -14.57 18.85 -9.61
N THR A 814 -15.24 17.74 -9.43
CA THR A 814 -15.50 16.85 -10.53
C THR A 814 -17.01 16.60 -10.54
N SER A 815 -17.49 15.87 -11.54
CA SER A 815 -18.90 15.45 -11.52
C SER A 815 -19.06 14.06 -10.87
N ARG A 816 -17.96 13.51 -10.34
CA ARG A 816 -17.97 12.18 -9.71
C ARG A 816 -18.32 12.16 -8.22
N SER A 817 -18.86 11.02 -7.74
CA SER A 817 -19.14 10.85 -6.31
C SER A 817 -17.82 10.86 -5.50
N TYR A 818 -17.87 11.32 -4.28
CA TYR A 818 -16.66 11.53 -3.49
C TYR A 818 -16.02 10.17 -3.25
N SER A 819 -16.81 9.12 -2.98
CA SER A 819 -16.20 7.80 -2.74
CA SER A 819 -16.20 7.81 -2.74
C SER A 819 -15.46 7.28 -3.97
N GLU A 820 -16.00 7.55 -5.16
CA GLU A 820 -15.36 7.17 -6.42
C GLU A 820 -13.99 7.89 -6.58
N ILE A 821 -13.97 9.15 -6.15
CA ILE A 821 -12.75 9.96 -6.24
C ILE A 821 -11.74 9.40 -5.23
N LEU A 822 -12.21 8.98 -4.06
CA LEU A 822 -11.29 8.38 -3.07
C LEU A 822 -10.65 7.12 -3.62
N THR A 823 -11.45 6.31 -4.30
CA THR A 823 -10.91 5.13 -4.96
C THR A 823 -9.87 5.54 -6.01
N LEU A 824 -10.17 6.54 -6.82
CA LEU A 824 -9.23 7.03 -7.84
C LEU A 824 -7.91 7.48 -7.16
N LYS A 825 -8.04 8.17 -6.01
CA LYS A 825 -6.83 8.68 -5.32
C LYS A 825 -6.00 7.54 -4.72
N THR A 826 -6.59 6.37 -4.44
CA THR A 826 -5.79 5.24 -3.98
C THR A 826 -5.23 4.33 -5.11
N TYR A 827 -5.63 4.59 -6.34
CA TYR A 827 -5.17 3.78 -7.50
C TYR A 827 -3.66 3.86 -7.66
N LEU A 828 -3.06 2.72 -7.96
CA LEU A 828 -1.62 2.67 -8.31
C LEU A 828 -1.45 2.06 -9.69
N HIS A 829 -0.85 2.76 -10.63
CA HIS A 829 -0.58 2.13 -11.92
C HIS A 829 0.68 1.31 -11.78
N THR A 830 0.58 -0.01 -11.92
CA THR A 830 1.77 -0.82 -11.56
C THR A 830 2.68 -1.27 -12.68
N TYR A 831 2.17 -1.26 -13.90
CA TYR A 831 3.04 -1.60 -15.08
C TYR A 831 3.41 -3.08 -15.17
N GLU A 832 2.80 -3.91 -14.33
CA GLU A 832 3.04 -5.33 -14.46
C GLU A 832 2.17 -5.78 -15.64
N SER A 833 2.52 -6.88 -16.29
CA SER A 833 1.60 -7.41 -17.32
C SER A 833 0.36 -8.07 -16.69
N GLU A 834 -0.36 -8.89 -17.47
CA GLU A 834 -1.59 -9.52 -17.00
C GLU A 834 -1.31 -10.74 -16.13
C1 NAG B . -0.01 6.24 8.61
C2 NAG B . 0.61 7.58 8.38
C3 NAG B . 1.34 8.03 9.68
C4 NAG B . 0.42 8.02 10.89
C5 NAG B . -0.38 6.71 10.95
C6 NAG B . -1.40 6.80 12.10
C7 NAG B . 1.40 8.24 6.17
C8 NAG B . 2.48 8.13 5.14
N2 NAG B . 1.59 7.53 7.28
O3 NAG B . 1.90 9.35 9.54
O4 NAG B . 1.25 8.03 12.01
O5 NAG B . -0.98 6.43 9.70
O6 NAG B . -2.25 7.93 11.88
O7 NAG B . 0.38 8.95 5.97
C1 NAG B . 0.99 9.05 13.01
C2 NAG B . 1.57 8.50 14.34
C3 NAG B . 1.52 9.60 15.39
C4 NAG B . 2.21 10.89 14.92
C5 NAG B . 1.84 11.34 13.50
C6 NAG B . 2.95 12.29 12.96
C7 NAG B . 1.27 6.04 14.54
C8 NAG B . 0.38 4.92 15.08
N2 NAG B . 0.88 7.29 14.80
O3 NAG B . 2.19 9.13 16.55
O4 NAG B . 1.92 11.94 15.81
O5 NAG B . 1.70 10.21 12.60
O6 NAG B . 4.17 11.61 12.57
O7 NAG B . 2.27 5.71 13.89
C1 BMA B . 2.96 12.04 16.83
C2 BMA B . 3.26 13.52 17.09
C3 BMA B . 4.10 13.75 18.37
C4 BMA B . 3.49 12.94 19.54
C5 BMA B . 3.39 11.45 19.17
C6 BMA B . 2.85 10.54 20.28
O2 BMA B . 2.01 14.16 17.14
O3 BMA B . 4.19 15.15 18.69
O4 BMA B . 4.27 13.04 20.71
O5 BMA B . 2.59 11.31 18.01
O6 BMA B . 3.25 9.23 19.90
C1 MAN B . 2.71 8.14 20.69
C2 MAN B . 3.35 6.81 20.17
C3 MAN B . 2.60 6.27 18.93
C4 MAN B . 1.11 6.14 19.30
C5 MAN B . 0.55 7.53 19.66
C6 MAN B . -0.96 7.52 19.95
O2 MAN B . 3.45 5.81 21.18
O3 MAN B . 3.07 5.03 18.39
O4 MAN B . 0.38 5.50 18.27
O5 MAN B . 1.28 8.08 20.77
O6 MAN B . -1.34 6.41 20.76
C1 MAN B . 4.40 5.08 17.80
C2 MAN B . 4.54 4.04 16.67
C3 MAN B . 4.52 2.61 17.25
C4 MAN B . 5.52 2.42 18.41
C5 MAN B . 5.57 3.63 19.37
C6 MAN B . 6.86 3.56 20.21
O2 MAN B . 5.79 4.27 16.03
O3 MAN B . 4.76 1.61 16.26
O4 MAN B . 5.23 1.20 19.08
O5 MAN B . 5.51 4.88 18.69
O6 MAN B . 7.29 4.86 20.54
C1 MAN B . 5.68 4.98 14.75
C2 MAN B . 6.96 4.67 13.96
C3 MAN B . 8.15 5.46 14.54
C4 MAN B . 7.84 6.95 14.80
C5 MAN B . 6.48 7.13 15.54
C6 MAN B . 6.08 8.60 15.75
O2 MAN B . 6.78 4.99 12.59
O3 MAN B . 9.21 5.32 13.65
O4 MAN B . 8.87 7.55 15.56
O5 MAN B . 5.46 6.40 14.85
O6 MAN B . 5.14 8.70 16.81
C1 MAN B . 5.47 15.81 18.40
C2 MAN B . 5.91 16.75 19.56
C3 MAN B . 5.11 18.06 19.62
C4 MAN B . 4.99 18.72 18.24
C5 MAN B . 4.57 17.66 17.21
C6 MAN B . 4.31 18.25 15.82
O2 MAN B . 7.26 17.12 19.39
O3 MAN B . 5.71 19.00 20.49
O4 MAN B . 4.05 19.78 18.33
O5 MAN B . 5.47 16.55 17.18
O6 MAN B . 2.96 18.64 15.75
C1 MAN B . 8.07 16.88 20.57
C2 MAN B . 9.00 18.08 20.84
C3 MAN B . 10.09 18.18 19.74
C4 MAN B . 10.72 16.82 19.42
C5 MAN B . 9.66 15.70 19.29
C6 MAN B . 10.24 14.32 19.05
O2 MAN B . 9.56 17.96 22.14
O3 MAN B . 11.10 19.14 20.02
O4 MAN B . 11.48 16.92 18.25
O5 MAN B . 8.83 15.69 20.44
O6 MAN B . 10.77 13.82 20.26
CL CL C . 12.43 -9.77 7.15
C10 Y2Z D . -4.15 -13.46 11.87
C11 Y2Z D . -3.22 -13.30 12.91
C17 Y2Z D . 0.62 -11.51 12.89
C21 Y2Z D . -2.77 -11.71 18.46
C24 Y2Z D . -2.77 -15.61 12.78
C25 Y2Z D . -1.83 -16.69 13.27
C27 Y2Z D . 0.03 -17.96 13.39
C1 Y2Z D . 0.02 -11.90 15.97
C2 Y2Z D . -0.65 -12.15 14.77
C3 Y2Z D . -2.12 -12.06 14.79
C4 Y2Z D . -2.79 -11.84 16.00
C5 Y2Z D . -2.08 -11.67 17.17
C6 Y2Z D . -0.71 -11.64 17.16
C7 Y2Z D . -3.70 -10.94 13.13
C8 Y2Z D . -4.63 -11.12 12.06
C9 Y2Z D . -4.89 -12.35 11.44
C12 Y2Z D . -3.00 -12.09 13.58
O13 Y2Z D . -2.45 -14.33 13.33
C14 Y2Z D . -5.92 -12.55 10.37
CL15 Y2Z D . -5.45 -9.75 11.46
O16 Y2Z D . -0.25 -12.25 13.48
F18 Y2Z D . 1.11 -11.99 11.78
F19 Y2Z D . -0.24 -10.46 12.69
F20 Y2Z D . 1.56 -10.99 13.61
N22 Y2Z D . -2.04 -11.41 19.57
O23 Y2Z D . -3.90 -12.11 18.60
N26 Y2Z D . -0.46 -16.76 12.88
N28 Y2Z D . -1.03 -18.53 14.03
N29 Y2Z D . -2.16 -17.77 13.98
C30 Y2Z D . 0.34 -15.83 12.08
O31 Y2Z D . 1.14 -18.40 13.24
C ACT E . 11.16 -7.01 -9.22
O ACT E . 10.50 -6.14 -9.87
OXT ACT E . 11.51 -8.08 -9.77
CH3 ACT E . 11.55 -6.75 -7.79
K K F . 24.53 25.93 -11.04
ZN ZN G . 6.24 -18.06 3.66
NA NA H . 23.78 5.19 -13.78
CA CA I . 8.45 14.85 6.13
#